data_6JZS
#
_entry.id   6JZS
#
_cell.length_a   58.715
_cell.length_b   146.129
_cell.length_c   62.481
_cell.angle_alpha   90.000
_cell.angle_beta   96.870
_cell.angle_gamma   90.000
#
_symmetry.space_group_name_H-M   'P 1 21 1'
#
loop_
_entity.id
_entity.type
_entity.pdbx_description
1 polymer 'Bifunctional cytochrome P450/NADPH--P450 reductase'
2 non-polymer pyridine
3 non-polymer '(2S)-2-[[(1R,4aR,4bR,10aR)-1,4a-dimethyl-7-propan-2-yl-2,3,4,4b,5,6,10,10a-octahydrophenanthren-1-yl]carbonylamino]-3-( 1H-indol-3-yl)propanoic acid'
4 non-polymer 'MANGANESE PROTOPORPHYRIN IX'
5 non-polymer GLYCEROL
6 water water
#
_entity_poly.entity_id   1
_entity_poly.type   'polypeptide(L)'
_entity_poly.pdbx_seq_one_letter_code
;MGSSHHHHHHSSGLVPRGSHMASENLYFQGSMTIKEMPQPKTFGELKNLPLLNTDKPVQALMKIADELGEIFKFEAPGRV
TRYLSSQRLIKEACDESRFDKNLSQALKFVRDFAGDGLFTSWTHEKNWKKAHNILLPSFSQQAMKGYHAMMVDIAVQLVQ
KWERLNADEHIEVPEDMTRLTLDTIGLCGFNYRFNSFYRDQPHPFITSMVRALDEAMNKLQRANPDDPAYDENKRQFQED
IKVMNDLVDKIIADRKASGEQSDDLLTHMLNGKDPETGEPLDDENIRYQIITFLIAGHETTSGLLSFALYFLVKNPHVLQ
KAAEEAARVLVDPVPSYKQVKQLKYVGMVLNEALRLWPTAPAFSLYAKEDTVLGGEYPLEKGDELMVLIPQLHRDKTIWG
DDVEEFRPERFENPSAIPQHAFKPFGNGQRACIGQQFALHEATLVLGMMLKHFDFEDHTNYELDIKETLTLKPEGFVVKA
KSKKIPLGLPATGG
;
_entity_poly.pdbx_strand_id   A,C
#
loop_
_chem_comp.id
_chem_comp.type
_chem_comp.name
_chem_comp.formula
0PY non-polymer pyridine 'C5 H5 N'
GOL non-polymer GLYCEROL 'C3 H8 O3'
MNH non-polymer 'MANGANESE PROTOPORPHYRIN IX' 'C34 H32 Mn N4 O4 4'
WAA non-polymer '(2S)-2-[[(1R,4aR,4bR,10aR)-1,4a-dimethyl-7-propan-2-yl-2,3,4,4b,5,6,10,10a-octahydrophenanthren-1-yl]carbonylamino]-3-( 1H-indol-3-yl)propanoic acid' 'C31 H40 N2 O3'
#
# COMPACT_ATOMS: atom_id res chain seq x y z
N LYS A 35 17.44 19.10 -52.84
CA LYS A 35 16.36 18.35 -53.54
C LYS A 35 15.03 18.52 -52.78
N GLU A 36 13.96 17.90 -53.28
CA GLU A 36 12.62 17.90 -52.64
C GLU A 36 12.63 16.90 -51.48
N MET A 37 12.35 17.39 -50.27
CA MET A 37 12.23 16.55 -49.05
C MET A 37 10.93 15.75 -49.10
N PRO A 38 10.96 14.42 -48.86
CA PRO A 38 9.73 13.63 -48.79
C PRO A 38 8.73 14.21 -47.78
N GLN A 39 7.45 13.92 -47.98
CA GLN A 39 6.34 14.38 -47.11
C GLN A 39 5.26 13.29 -47.05
N PRO A 40 4.70 12.99 -45.86
CA PRO A 40 3.64 12.00 -45.77
C PRO A 40 2.32 12.60 -46.26
N LYS A 41 1.29 11.75 -46.29
CA LYS A 41 -0.02 12.08 -46.89
C LYS A 41 -0.64 13.32 -46.22
N THR A 42 -1.33 14.13 -47.02
CA THR A 42 -1.93 15.43 -46.61
C THR A 42 -3.45 15.34 -46.64
N PHE A 43 -4.09 16.22 -45.90
CA PHE A 43 -5.56 16.26 -45.67
C PHE A 43 -6.10 17.63 -46.10
N GLY A 44 -5.87 18.01 -47.36
CA GLY A 44 -6.28 19.32 -47.89
C GLY A 44 -5.65 20.44 -47.08
N GLU A 45 -6.46 21.38 -46.60
CA GLU A 45 -5.95 22.59 -45.87
C GLU A 45 -5.37 22.18 -44.50
N LEU A 46 -5.68 20.99 -43.98
CA LEU A 46 -5.13 20.55 -42.66
C LEU A 46 -3.71 20.02 -42.86
N LYS A 47 -3.25 19.89 -44.10
CA LYS A 47 -1.87 19.41 -44.42
C LYS A 47 -1.65 18.07 -43.69
N ASN A 48 -0.57 17.91 -42.91
CA ASN A 48 -0.25 16.61 -42.24
C ASN A 48 -0.85 16.53 -40.84
N LEU A 49 -1.56 17.55 -40.35
CA LEU A 49 -1.93 17.61 -38.91
C LEU A 49 -2.67 16.34 -38.47
N PRO A 50 -3.69 15.82 -39.19
CA PRO A 50 -4.45 14.65 -38.71
C PRO A 50 -3.63 13.36 -38.46
N LEU A 51 -2.42 13.27 -39.03
CA LEU A 51 -1.54 12.09 -38.81
C LEU A 51 -1.17 11.95 -37.32
N LEU A 52 -1.28 13.02 -36.53
CA LEU A 52 -0.91 12.98 -35.08
C LEU A 52 -2.17 12.93 -34.20
N ASN A 53 -3.36 12.88 -34.80
CA ASN A 53 -4.66 12.52 -34.17
C ASN A 53 -4.71 11.00 -33.98
N THR A 54 -3.90 10.49 -33.05
CA THR A 54 -3.71 9.04 -32.84
C THR A 54 -3.29 8.85 -31.39
N ASP A 55 -3.58 7.68 -30.85
CA ASP A 55 -3.20 7.26 -29.49
C ASP A 55 -1.69 7.02 -29.45
N LYS A 56 -1.06 6.73 -30.59
CA LYS A 56 0.36 6.29 -30.63
C LYS A 56 1.14 7.10 -31.68
N PRO A 57 1.33 8.42 -31.47
CA PRO A 57 1.97 9.28 -32.48
C PRO A 57 3.44 8.95 -32.78
N VAL A 58 4.23 8.60 -31.76
CA VAL A 58 5.65 8.21 -31.97
C VAL A 58 5.71 6.96 -32.86
N GLN A 59 4.88 5.96 -32.58
CA GLN A 59 4.88 4.70 -33.37
C GLN A 59 4.41 5.02 -34.80
N ALA A 60 3.45 5.94 -34.95
CA ALA A 60 2.97 6.39 -36.29
C ALA A 60 4.11 7.06 -37.06
N LEU A 61 4.85 7.96 -36.42
CA LEU A 61 5.99 8.67 -37.05
C LEU A 61 7.09 7.66 -37.41
N MET A 62 7.32 6.65 -36.58
CA MET A 62 8.32 5.60 -36.88
C MET A 62 7.93 4.89 -38.18
N LYS A 63 6.65 4.57 -38.36
CA LYS A 63 6.18 3.86 -39.59
C LYS A 63 6.34 4.81 -40.79
N ILE A 64 6.04 6.10 -40.61
CA ILE A 64 6.24 7.10 -41.69
C ILE A 64 7.74 7.18 -42.03
N ALA A 65 8.63 7.17 -41.03
CA ALA A 65 10.09 7.19 -41.29
C ALA A 65 10.51 5.92 -42.06
N ASP A 66 9.93 4.77 -41.73
CA ASP A 66 10.20 3.48 -42.42
C ASP A 66 9.87 3.65 -43.91
N GLU A 67 8.76 4.31 -44.23
CA GLU A 67 8.28 4.52 -45.61
C GLU A 67 9.13 5.58 -46.33
N LEU A 68 9.46 6.70 -45.67
CA LEU A 68 9.99 7.91 -46.35
C LEU A 68 11.51 8.06 -46.20
N GLY A 69 12.12 7.41 -45.22
CA GLY A 69 13.58 7.41 -45.02
C GLY A 69 14.05 8.47 -44.01
N GLU A 70 15.26 8.99 -44.21
CA GLU A 70 16.04 9.68 -43.14
C GLU A 70 15.47 11.05 -42.79
N ILE A 71 14.66 11.66 -43.65
CA ILE A 71 14.13 13.02 -43.38
C ILE A 71 12.77 13.16 -44.05
N PHE A 72 11.80 13.73 -43.35
CA PHE A 72 10.52 14.11 -43.97
C PHE A 72 10.03 15.40 -43.32
N LYS A 73 9.38 16.20 -44.15
CA LYS A 73 8.74 17.47 -43.77
C LYS A 73 7.35 17.12 -43.23
N PHE A 74 6.98 17.80 -42.17
CA PHE A 74 5.64 17.68 -41.55
C PHE A 74 5.09 19.09 -41.47
N GLU A 75 4.01 19.33 -42.21
CA GLU A 75 3.33 20.64 -42.27
C GLU A 75 1.97 20.54 -41.57
N ALA A 76 1.61 21.61 -40.89
CA ALA A 76 0.29 21.84 -40.26
C ALA A 76 -0.03 23.32 -40.49
N PRO A 77 -1.31 23.75 -40.34
CA PRO A 77 -1.62 25.17 -40.51
C PRO A 77 -0.73 25.99 -39.55
N GLY A 78 0.13 26.84 -40.11
CA GLY A 78 0.97 27.81 -39.36
C GLY A 78 2.31 27.24 -38.89
N ARG A 79 2.70 26.02 -39.27
CA ARG A 79 3.96 25.45 -38.71
C ARG A 79 4.53 24.37 -39.63
N VAL A 80 5.86 24.24 -39.64
N VAL A 80 5.85 24.30 -39.71
CA VAL A 80 6.62 23.25 -40.47
CA VAL A 80 6.59 23.22 -40.39
C VAL A 80 7.79 22.73 -39.64
C VAL A 80 7.63 22.68 -39.42
N THR A 81 7.94 21.40 -39.53
CA THR A 81 9.09 20.77 -38.86
C THR A 81 9.58 19.67 -39.79
N ARG A 82 10.81 19.22 -39.56
CA ARG A 82 11.44 18.13 -40.33
C ARG A 82 11.86 17.05 -39.33
N TYR A 83 11.45 15.81 -39.58
CA TYR A 83 11.72 14.64 -38.71
C TYR A 83 12.94 13.93 -39.25
N LEU A 84 13.98 13.82 -38.42
CA LEU A 84 15.27 13.19 -38.76
C LEU A 84 15.34 11.80 -38.13
N SER A 85 15.86 10.82 -38.89
CA SER A 85 15.92 9.40 -38.49
C SER A 85 17.29 8.78 -38.70
N SER A 86 18.22 9.40 -39.45
CA SER A 86 19.52 8.79 -39.80
C SER A 86 20.64 9.41 -38.94
N GLN A 87 21.63 8.60 -38.59
CA GLN A 87 22.84 9.11 -37.93
C GLN A 87 23.50 10.15 -38.87
N ARG A 88 23.44 9.94 -40.18
CA ARG A 88 24.13 10.84 -41.15
C ARG A 88 23.64 12.28 -40.98
N LEU A 89 22.33 12.50 -40.82
CA LEU A 89 21.76 13.85 -40.63
C LEU A 89 21.77 14.26 -39.15
N ILE A 90 21.61 13.31 -38.24
CA ILE A 90 21.49 13.68 -36.80
C ILE A 90 22.86 14.13 -36.27
N LYS A 91 23.97 13.63 -36.82
CA LYS A 91 25.33 14.07 -36.38
C LYS A 91 25.52 15.55 -36.73
N GLU A 92 24.85 16.08 -37.76
CA GLU A 92 24.88 17.53 -38.10
C GLU A 92 23.91 18.31 -37.19
N ALA A 93 22.73 17.77 -36.93
CA ALA A 93 21.73 18.38 -36.02
C ALA A 93 22.34 18.55 -34.62
N CYS A 94 23.26 17.68 -34.24
CA CYS A 94 23.84 17.67 -32.87
C CYS A 94 25.08 18.57 -32.77
N ASP A 95 25.44 19.27 -33.85
CA ASP A 95 26.50 20.30 -33.86
C ASP A 95 25.97 21.54 -33.17
N GLU A 96 26.41 21.81 -31.94
CA GLU A 96 25.88 22.93 -31.11
C GLU A 96 26.25 24.30 -31.69
N SER A 97 27.22 24.39 -32.61
CA SER A 97 27.52 25.68 -33.29
C SER A 97 26.41 25.99 -34.33
N ARG A 98 25.61 25.00 -34.72
CA ARG A 98 24.64 25.15 -35.85
C ARG A 98 23.19 25.07 -35.36
N PHE A 99 22.94 24.32 -34.28
CA PHE A 99 21.56 24.06 -33.78
C PHE A 99 21.57 24.12 -32.26
N ASP A 100 20.49 24.66 -31.71
CA ASP A 100 20.24 24.73 -30.26
C ASP A 100 18.92 24.01 -29.98
N LYS A 101 18.68 23.63 -28.73
CA LYS A 101 17.40 23.08 -28.25
C LYS A 101 16.25 24.05 -28.53
N ASN A 102 15.21 23.53 -29.17
CA ASN A 102 13.92 24.21 -29.38
C ASN A 102 12.95 23.68 -28.32
N LEU A 103 12.08 24.54 -27.79
CA LEU A 103 10.90 24.07 -27.02
C LEU A 103 9.81 23.65 -28.03
N SER A 104 9.60 22.34 -28.22
CA SER A 104 8.44 21.78 -28.95
C SER A 104 7.15 22.32 -28.33
N GLN A 105 6.02 22.18 -29.00
CA GLN A 105 4.71 22.54 -28.42
C GLN A 105 4.49 21.74 -27.13
N ALA A 106 4.86 20.45 -27.13
CA ALA A 106 4.75 19.56 -25.95
C ALA A 106 5.47 20.23 -24.77
N LEU A 107 6.70 20.69 -24.95
CA LEU A 107 7.47 21.30 -23.83
C LEU A 107 6.85 22.64 -23.42
N LYS A 108 6.34 23.41 -24.38
CA LYS A 108 5.65 24.70 -24.10
C LYS A 108 4.41 24.46 -23.23
N PHE A 109 3.67 23.39 -23.46
CA PHE A 109 2.48 23.05 -22.63
C PHE A 109 2.92 22.57 -21.24
N VAL A 110 4.02 21.80 -21.15
CA VAL A 110 4.55 21.32 -19.85
C VAL A 110 5.11 22.53 -19.07
N ARG A 111 5.62 23.55 -19.77
CA ARG A 111 6.22 24.75 -19.13
C ARG A 111 5.20 25.49 -18.26
N ASP A 112 3.90 25.35 -18.58
CA ASP A 112 2.81 25.90 -17.74
C ASP A 112 2.94 25.45 -16.29
N PHE A 113 3.53 24.28 -15.99
CA PHE A 113 3.75 23.84 -14.59
C PHE A 113 5.22 23.54 -14.28
N ALA A 114 6.09 23.31 -15.27
CA ALA A 114 7.55 23.07 -15.03
C ALA A 114 8.35 24.37 -15.18
N GLY A 115 7.72 25.44 -15.71
CA GLY A 115 8.27 26.81 -15.66
C GLY A 115 9.62 26.92 -16.34
N ASP A 116 10.56 27.64 -15.72
CA ASP A 116 11.94 27.79 -16.26
C ASP A 116 12.89 26.85 -15.50
N GLY A 117 12.40 25.66 -15.13
CA GLY A 117 13.24 24.50 -14.79
C GLY A 117 14.11 24.12 -15.98
N LEU A 118 15.14 23.31 -15.75
CA LEU A 118 16.18 22.98 -16.78
C LEU A 118 15.52 22.44 -18.06
N PHE A 119 14.46 21.66 -17.97
CA PHE A 119 13.95 20.87 -19.12
C PHE A 119 13.12 21.78 -20.04
N THR A 120 12.44 22.76 -19.47
CA THR A 120 11.47 23.62 -20.21
C THR A 120 12.00 25.04 -20.41
N SER A 121 13.30 25.25 -20.21
N SER A 121 13.29 25.28 -20.20
CA SER A 121 14.01 26.55 -20.40
CA SER A 121 13.93 26.61 -20.40
C SER A 121 14.66 26.60 -21.78
C SER A 121 14.72 26.63 -21.70
N TRP A 122 14.71 27.80 -22.36
CA TRP A 122 15.59 28.09 -23.51
C TRP A 122 17.00 28.22 -22.98
N THR A 123 17.99 27.86 -23.80
CA THR A 123 19.42 27.91 -23.47
C THR A 123 19.82 29.35 -23.11
N HIS A 124 19.16 30.35 -23.69
CA HIS A 124 19.49 31.79 -23.52
C HIS A 124 18.88 32.36 -22.23
N GLU A 125 18.02 31.61 -21.50
CA GLU A 125 17.41 32.12 -20.24
C GLU A 125 18.47 32.07 -19.15
N LYS A 126 18.62 33.19 -18.42
CA LYS A 126 19.59 33.30 -17.29
C LYS A 126 19.44 32.10 -16.35
N ASN A 127 18.21 31.72 -15.99
CA ASN A 127 17.94 30.61 -15.03
C ASN A 127 18.34 29.25 -15.62
N TRP A 128 18.44 29.09 -16.94
CA TRP A 128 18.96 27.82 -17.51
C TRP A 128 20.42 27.68 -17.10
N LYS A 129 21.27 28.65 -17.48
CA LYS A 129 22.72 28.53 -17.29
C LYS A 129 23.02 28.46 -15.80
N LYS A 130 22.36 29.26 -14.96
CA LYS A 130 22.60 29.21 -13.49
C LYS A 130 22.30 27.78 -12.95
N ALA A 131 21.11 27.26 -13.18
CA ALA A 131 20.66 25.93 -12.68
C ALA A 131 21.60 24.85 -13.20
N HIS A 132 22.00 24.93 -14.48
CA HIS A 132 22.92 23.97 -15.13
C HIS A 132 24.25 23.94 -14.36
N ASN A 133 24.82 25.12 -14.11
CA ASN A 133 26.14 25.22 -13.43
C ASN A 133 26.03 24.73 -11.98
N ILE A 134 24.94 25.02 -11.30
CA ILE A 134 24.75 24.68 -9.86
C ILE A 134 24.48 23.18 -9.75
N LEU A 135 23.63 22.63 -10.63
CA LEU A 135 23.12 21.25 -10.40
C LEU A 135 24.04 20.18 -11.02
N LEU A 136 24.79 20.48 -12.08
CA LEU A 136 25.44 19.41 -12.89
C LEU A 136 26.39 18.60 -12.02
N PRO A 137 27.22 19.23 -11.16
CA PRO A 137 28.14 18.48 -10.30
C PRO A 137 27.44 17.59 -9.26
N SER A 138 26.17 17.88 -8.92
CA SER A 138 25.35 17.11 -7.96
C SER A 138 24.65 15.92 -8.63
N PHE A 139 24.86 15.73 -9.93
CA PHE A 139 24.25 14.63 -10.72
C PHE A 139 25.33 13.76 -11.35
N SER A 140 26.60 13.96 -10.96
CA SER A 140 27.75 13.23 -11.54
C SER A 140 27.71 11.77 -11.07
N GLN A 141 28.42 10.90 -11.78
CA GLN A 141 28.62 9.47 -11.39
C GLN A 141 29.10 9.44 -9.94
N GLN A 142 30.01 10.35 -9.59
CA GLN A 142 30.64 10.39 -8.26
C GLN A 142 29.62 10.85 -7.20
N ALA A 143 28.69 11.73 -7.55
CA ALA A 143 27.63 12.21 -6.63
C ALA A 143 26.67 11.06 -6.26
N MET A 144 26.59 10.04 -7.11
CA MET A 144 25.70 8.86 -6.87
C MET A 144 26.14 8.11 -5.61
N LYS A 145 27.41 8.19 -5.20
CA LYS A 145 27.86 7.57 -3.93
C LYS A 145 27.01 8.07 -2.77
N GLY A 146 26.71 9.38 -2.75
CA GLY A 146 25.92 10.01 -1.68
C GLY A 146 24.47 9.62 -1.73
N TYR A 147 23.91 9.29 -2.90
CA TYR A 147 22.47 8.91 -3.04
C TYR A 147 22.28 7.39 -2.88
N HIS A 148 23.35 6.62 -2.96
CA HIS A 148 23.29 5.14 -3.05
C HIS A 148 22.44 4.57 -1.91
N ALA A 149 22.68 5.01 -0.67
CA ALA A 149 22.03 4.44 0.54
C ALA A 149 20.51 4.59 0.44
N MET A 150 20.06 5.77 0.02
N MET A 150 20.01 5.74 0.00
CA MET A 150 18.62 6.11 -0.19
CA MET A 150 18.55 5.96 -0.09
C MET A 150 18.04 5.24 -1.32
C MET A 150 17.99 5.24 -1.34
N MET A 151 18.76 5.08 -2.42
CA MET A 151 18.29 4.19 -3.52
C MET A 151 18.13 2.76 -3.01
N VAL A 152 19.06 2.28 -2.17
CA VAL A 152 19.01 0.91 -1.58
C VAL A 152 17.75 0.79 -0.72
N ASP A 153 17.44 1.80 0.07
CA ASP A 153 16.22 1.83 0.93
C ASP A 153 14.99 1.50 0.08
N ILE A 154 14.83 2.13 -1.09
CA ILE A 154 13.60 1.91 -1.91
C ILE A 154 13.73 0.56 -2.65
N ALA A 155 14.93 0.18 -3.12
CA ALA A 155 15.12 -1.08 -3.87
C ALA A 155 14.79 -2.25 -2.94
N VAL A 156 15.20 -2.17 -1.68
CA VAL A 156 14.89 -3.24 -0.68
C VAL A 156 13.38 -3.32 -0.46
N GLN A 157 12.68 -2.19 -0.42
CA GLN A 157 11.19 -2.19 -0.31
C GLN A 157 10.58 -2.95 -1.50
N LEU A 158 11.09 -2.76 -2.72
N LEU A 158 11.10 -2.75 -2.71
CA LEU A 158 10.60 -3.49 -3.92
CA LEU A 158 10.65 -3.45 -3.94
C LEU A 158 10.84 -4.99 -3.76
C LEU A 158 10.86 -4.96 -3.79
N VAL A 159 12.07 -5.40 -3.45
CA VAL A 159 12.42 -6.83 -3.25
C VAL A 159 11.51 -7.43 -2.17
N GLN A 160 11.32 -6.75 -1.04
CA GLN A 160 10.47 -7.30 0.05
C GLN A 160 9.02 -7.42 -0.41
N LYS A 161 8.52 -6.48 -1.21
CA LYS A 161 7.15 -6.60 -1.72
C LYS A 161 7.02 -7.92 -2.49
N TRP A 162 7.97 -8.19 -3.39
CA TRP A 162 7.91 -9.38 -4.28
C TRP A 162 8.15 -10.66 -3.49
N GLU A 163 9.02 -10.63 -2.47
CA GLU A 163 9.28 -11.79 -1.58
C GLU A 163 7.98 -12.17 -0.85
N ARG A 164 7.08 -11.20 -0.67
CA ARG A 164 5.90 -11.36 0.21
C ARG A 164 4.66 -11.73 -0.62
N LEU A 165 4.76 -11.80 -1.95
CA LEU A 165 3.62 -12.23 -2.77
C LEU A 165 3.32 -13.72 -2.55
N ASN A 166 2.05 -14.09 -2.60
CA ASN A 166 1.62 -15.51 -2.54
C ASN A 166 1.88 -16.16 -3.91
N ALA A 167 2.01 -17.48 -3.92
CA ALA A 167 2.33 -18.33 -5.11
C ALA A 167 1.39 -18.01 -6.28
N ASP A 168 0.12 -17.72 -6.02
CA ASP A 168 -0.88 -17.56 -7.12
C ASP A 168 -0.86 -16.14 -7.72
N GLU A 169 -0.01 -15.24 -7.20
CA GLU A 169 -0.10 -13.79 -7.53
C GLU A 169 0.89 -13.46 -8.64
N HIS A 170 0.65 -12.35 -9.32
CA HIS A 170 1.58 -11.81 -10.34
C HIS A 170 2.01 -10.39 -9.99
N ILE A 171 2.97 -9.88 -10.74
CA ILE A 171 3.54 -8.53 -10.61
C ILE A 171 3.01 -7.67 -11.75
N GLU A 172 2.54 -6.47 -11.43
CA GLU A 172 2.19 -5.45 -12.43
C GLU A 172 3.45 -4.62 -12.62
N VAL A 173 4.21 -4.89 -13.68
CA VAL A 173 5.62 -4.42 -13.77
C VAL A 173 5.72 -2.90 -13.84
N PRO A 174 5.11 -2.19 -14.81
CA PRO A 174 5.25 -0.72 -14.85
C PRO A 174 4.77 -0.04 -13.56
N GLU A 175 3.69 -0.55 -12.95
CA GLU A 175 3.12 0.00 -11.70
C GLU A 175 4.17 -0.08 -10.58
N ASP A 176 4.80 -1.24 -10.40
CA ASP A 176 5.86 -1.46 -9.36
C ASP A 176 7.13 -0.68 -9.72
N MET A 177 7.55 -0.64 -10.98
CA MET A 177 8.76 0.13 -11.36
C MET A 177 8.52 1.63 -11.10
N THR A 178 7.31 2.14 -11.32
CA THR A 178 6.98 3.57 -11.06
C THR A 178 6.99 3.85 -9.56
N ARG A 179 6.48 2.92 -8.75
CA ARG A 179 6.57 3.02 -7.28
C ARG A 179 8.04 3.20 -6.91
N LEU A 180 8.92 2.39 -7.48
CA LEU A 180 10.36 2.47 -7.15
C LEU A 180 10.94 3.82 -7.61
N THR A 181 10.75 4.21 -8.88
CA THR A 181 11.49 5.38 -9.42
C THR A 181 10.98 6.66 -8.76
N LEU A 182 9.67 6.82 -8.59
CA LEU A 182 9.09 8.00 -7.92
C LEU A 182 9.63 8.11 -6.48
N ASP A 183 9.62 7.03 -5.73
CA ASP A 183 10.04 7.05 -4.32
C ASP A 183 11.54 7.39 -4.26
N THR A 184 12.33 6.91 -5.22
CA THR A 184 13.79 7.15 -5.24
C THR A 184 14.06 8.64 -5.48
N ILE A 185 13.40 9.26 -6.45
CA ILE A 185 13.65 10.70 -6.73
C ILE A 185 13.08 11.54 -5.57
N GLY A 186 11.97 11.14 -4.96
CA GLY A 186 11.44 11.87 -3.78
C GLY A 186 12.43 11.87 -2.63
N LEU A 187 13.03 10.72 -2.33
CA LEU A 187 13.90 10.57 -1.14
C LEU A 187 15.27 11.21 -1.43
N CYS A 188 15.88 10.94 -2.57
CA CYS A 188 17.19 11.56 -2.95
C CYS A 188 17.01 13.04 -3.33
N GLY A 189 15.87 13.41 -3.89
CA GLY A 189 15.60 14.78 -4.37
C GLY A 189 15.42 15.73 -3.19
N PHE A 190 14.56 15.40 -2.23
CA PHE A 190 14.25 16.34 -1.14
C PHE A 190 13.81 15.64 0.15
N ASN A 191 14.29 14.41 0.38
CA ASN A 191 14.11 13.68 1.66
C ASN A 191 12.62 13.57 1.97
N TYR A 192 11.80 13.34 0.94
CA TYR A 192 10.34 13.20 1.07
C TYR A 192 9.99 11.77 0.71
N ARG A 193 9.18 11.11 1.52
CA ARG A 193 8.73 9.72 1.25
C ARG A 193 7.33 9.74 0.67
N PHE A 194 7.20 9.39 -0.60
CA PHE A 194 5.89 9.21 -1.26
C PHE A 194 5.21 7.94 -0.71
N ASN A 195 6.00 7.01 -0.16
CA ASN A 195 5.49 5.76 0.44
C ASN A 195 4.61 5.01 -0.58
N SER A 196 5.08 4.94 -1.81
CA SER A 196 4.33 4.34 -2.94
C SER A 196 4.04 2.84 -2.68
N PHE A 197 4.90 2.13 -1.95
CA PHE A 197 4.72 0.69 -1.67
C PHE A 197 3.64 0.49 -0.60
N TYR A 198 3.13 1.55 0.02
CA TYR A 198 2.11 1.51 1.10
C TYR A 198 0.74 1.95 0.57
N ARG A 199 0.58 2.09 -0.74
CA ARG A 199 -0.67 2.64 -1.30
C ARG A 199 -0.97 2.02 -2.67
N ASP A 200 -2.25 1.91 -2.98
CA ASP A 200 -2.82 1.69 -4.32
C ASP A 200 -3.09 3.05 -4.97
N GLN A 201 -3.63 3.99 -4.18
CA GLN A 201 -4.02 5.35 -4.64
C GLN A 201 -2.77 6.22 -4.68
N PRO A 202 -2.50 6.92 -5.80
CA PRO A 202 -1.36 7.82 -5.84
C PRO A 202 -1.43 8.91 -4.76
N HIS A 203 -0.26 9.42 -4.38
CA HIS A 203 -0.09 10.67 -3.61
C HIS A 203 -0.86 11.78 -4.33
N PRO A 204 -1.52 12.72 -3.59
CA PRO A 204 -2.24 13.82 -4.22
C PRO A 204 -1.41 14.62 -5.23
N PHE A 205 -0.11 14.79 -4.96
CA PHE A 205 0.79 15.56 -5.87
C PHE A 205 0.88 14.82 -7.21
N ILE A 206 1.01 13.50 -7.16
CA ILE A 206 1.14 12.64 -8.38
C ILE A 206 -0.18 12.64 -9.15
N THR A 207 -1.33 12.54 -8.47
CA THR A 207 -2.68 12.67 -9.09
C THR A 207 -2.72 13.93 -9.96
N SER A 208 -2.33 15.07 -9.39
CA SER A 208 -2.33 16.38 -10.07
C SER A 208 -1.27 16.40 -11.18
N MET A 209 -0.07 15.88 -10.93
CA MET A 209 1.02 15.90 -11.94
C MET A 209 0.63 15.07 -13.16
N VAL A 210 0.09 13.88 -12.95
CA VAL A 210 -0.30 12.95 -14.04
C VAL A 210 -1.44 13.60 -14.85
N ARG A 211 -2.43 14.15 -14.18
CA ARG A 211 -3.59 14.79 -14.87
C ARG A 211 -3.11 16.04 -15.63
N ALA A 212 -2.17 16.82 -15.10
CA ALA A 212 -1.57 18.00 -15.77
C ALA A 212 -0.74 17.56 -16.99
N LEU A 213 0.08 16.52 -16.86
CA LEU A 213 0.83 15.96 -18.03
C LEU A 213 -0.14 15.49 -19.11
N ASP A 214 -1.20 14.78 -18.71
N ASP A 214 -1.21 14.79 -18.73
CA ASP A 214 -2.25 14.24 -19.62
CA ASP A 214 -2.23 14.26 -19.66
C ASP A 214 -2.89 15.41 -20.38
C ASP A 214 -2.86 15.45 -20.41
N GLU A 215 -3.25 16.48 -19.67
CA GLU A 215 -3.89 17.69 -20.26
C GLU A 215 -2.91 18.35 -21.24
N ALA A 216 -1.62 18.42 -20.90
CA ALA A 216 -0.58 19.00 -21.79
C ALA A 216 -0.47 18.17 -23.08
N MET A 217 -0.42 16.84 -22.99
CA MET A 217 -0.31 15.96 -24.18
C MET A 217 -1.63 16.01 -24.96
N ASN A 218 -2.79 16.04 -24.29
CA ASN A 218 -4.11 16.06 -24.98
C ASN A 218 -4.25 17.35 -25.80
N LYS A 219 -3.78 18.49 -25.28
CA LYS A 219 -3.83 19.81 -25.98
C LYS A 219 -3.05 19.80 -27.30
N LEU A 220 -2.16 18.83 -27.53
CA LEU A 220 -1.42 18.74 -28.81
C LEU A 220 -2.40 18.44 -29.94
N GLN A 221 -3.34 17.50 -29.72
CA GLN A 221 -4.28 17.00 -30.75
C GLN A 221 -5.61 17.75 -30.69
N ARG A 222 -5.69 18.87 -29.95
CA ARG A 222 -6.97 19.58 -29.65
C ARG A 222 -7.08 20.81 -30.57
N ALA A 223 -7.83 20.67 -31.67
CA ALA A 223 -7.94 21.64 -32.79
C ALA A 223 -8.33 23.04 -32.30
N ASN A 224 -9.56 23.19 -31.78
CA ASN A 224 -10.04 24.43 -31.10
C ASN A 224 -10.27 24.08 -29.63
N PRO A 225 -9.53 24.72 -28.69
CA PRO A 225 -9.66 24.41 -27.26
C PRO A 225 -10.62 25.29 -26.43
N ASP A 226 -11.57 25.97 -27.08
CA ASP A 226 -12.39 27.06 -26.47
C ASP A 226 -13.89 26.74 -26.51
N ASP A 227 -14.32 25.64 -27.15
CA ASP A 227 -15.71 25.13 -26.99
C ASP A 227 -15.94 24.88 -25.49
N PRO A 228 -17.12 25.25 -24.94
CA PRO A 228 -17.29 25.37 -23.49
C PRO A 228 -16.99 24.08 -22.71
N ALA A 229 -16.91 22.94 -23.39
CA ALA A 229 -16.46 21.64 -22.82
C ALA A 229 -15.08 21.78 -22.19
N TYR A 230 -14.21 22.63 -22.77
CA TYR A 230 -12.76 22.75 -22.41
C TYR A 230 -12.51 23.86 -21.38
N ASP A 231 -13.56 24.46 -20.81
CA ASP A 231 -13.42 25.37 -19.63
C ASP A 231 -13.13 24.50 -18.41
N GLU A 232 -13.73 23.30 -18.34
CA GLU A 232 -13.58 22.36 -17.20
C GLU A 232 -12.17 21.75 -17.23
N ASN A 233 -11.62 21.45 -18.41
CA ASN A 233 -10.21 20.99 -18.55
C ASN A 233 -9.30 22.09 -17.99
N LYS A 234 -9.49 23.32 -18.47
CA LYS A 234 -8.69 24.53 -18.11
C LYS A 234 -8.82 24.81 -16.61
N ARG A 235 -9.99 24.58 -16.04
CA ARG A 235 -10.26 24.80 -14.59
C ARG A 235 -9.46 23.77 -13.79
N GLN A 236 -9.56 22.49 -14.18
CA GLN A 236 -8.87 21.35 -13.51
C GLN A 236 -7.35 21.55 -13.63
N PHE A 237 -6.90 22.08 -14.76
CA PHE A 237 -5.47 22.33 -15.08
C PHE A 237 -4.90 23.32 -14.06
N GLN A 238 -5.58 24.45 -13.88
CA GLN A 238 -5.14 25.53 -12.96
C GLN A 238 -5.14 24.98 -11.52
N GLU A 239 -6.07 24.09 -11.17
CA GLU A 239 -6.18 23.49 -9.80
C GLU A 239 -5.01 22.53 -9.56
N ASP A 240 -4.61 21.77 -10.59
CA ASP A 240 -3.51 20.77 -10.49
C ASP A 240 -2.16 21.52 -10.36
N ILE A 241 -1.98 22.61 -11.13
CA ILE A 241 -0.80 23.52 -11.02
C ILE A 241 -0.72 24.02 -9.58
N LYS A 242 -1.84 24.48 -9.00
CA LYS A 242 -1.84 25.04 -7.62
C LYS A 242 -1.45 23.95 -6.62
N VAL A 243 -1.97 22.72 -6.77
CA VAL A 243 -1.64 21.57 -5.89
C VAL A 243 -0.14 21.31 -5.95
N MET A 244 0.43 21.29 -7.15
CA MET A 244 1.88 21.04 -7.35
C MET A 244 2.68 22.19 -6.71
N ASN A 245 2.34 23.44 -7.02
CA ASN A 245 3.04 24.62 -6.45
C ASN A 245 2.97 24.57 -4.92
N ASP A 246 1.81 24.22 -4.35
CA ASP A 246 1.58 24.28 -2.88
C ASP A 246 2.44 23.24 -2.16
N LEU A 247 2.46 21.95 -2.54
CA LEU A 247 3.26 20.96 -1.76
C LEU A 247 4.73 21.34 -1.87
N VAL A 248 5.21 21.68 -3.06
CA VAL A 248 6.66 21.86 -3.30
C VAL A 248 7.12 23.14 -2.58
N ASP A 249 6.37 24.23 -2.70
CA ASP A 249 6.71 25.50 -2.01
C ASP A 249 6.79 25.26 -0.51
N LYS A 250 5.88 24.43 0.03
CA LYS A 250 5.88 24.04 1.47
C LYS A 250 7.13 23.22 1.79
N ILE A 251 7.49 22.24 0.95
CA ILE A 251 8.75 21.45 1.11
C ILE A 251 9.91 22.45 1.25
N ILE A 252 10.00 23.41 0.33
CA ILE A 252 11.15 24.36 0.28
C ILE A 252 11.14 25.22 1.56
N ALA A 253 9.98 25.80 1.90
CA ALA A 253 9.77 26.67 3.08
C ALA A 253 10.15 25.92 4.37
N ASP A 254 9.66 24.69 4.54
CA ASP A 254 9.96 23.84 5.72
C ASP A 254 11.48 23.63 5.83
N ARG A 255 12.16 23.33 4.71
CA ARG A 255 13.61 23.08 4.72
C ARG A 255 14.36 24.37 5.08
N LYS A 256 13.98 25.50 4.49
CA LYS A 256 14.64 26.81 4.74
C LYS A 256 14.57 27.15 6.24
N ALA A 257 13.43 26.87 6.87
CA ALA A 257 13.18 27.14 8.31
C ALA A 257 14.15 26.32 9.19
N SER A 258 14.21 25.00 8.99
CA SER A 258 14.78 24.03 9.96
C SER A 258 16.31 24.09 9.97
N GLY A 259 16.93 24.70 8.95
CA GLY A 259 18.39 24.65 8.72
C GLY A 259 18.89 23.23 8.50
N GLU A 260 18.00 22.23 8.49
CA GLU A 260 18.33 20.78 8.35
C GLU A 260 19.17 20.62 7.08
N GLN A 261 20.37 20.05 7.21
CA GLN A 261 21.34 19.85 6.11
C GLN A 261 21.38 18.36 5.77
N SER A 262 20.37 17.89 5.03
CA SER A 262 20.34 16.57 4.36
C SER A 262 21.19 16.68 3.10
N ASP A 263 22.04 15.71 2.79
CA ASP A 263 22.75 15.69 1.48
C ASP A 263 21.74 15.17 0.44
N ASP A 264 20.82 16.05 0.02
CA ASP A 264 19.89 15.82 -1.10
C ASP A 264 20.04 16.99 -2.09
N LEU A 265 19.35 16.90 -3.23
CA LEU A 265 19.33 18.00 -4.25
C LEU A 265 18.79 19.30 -3.66
N LEU A 266 17.80 19.26 -2.77
CA LEU A 266 17.19 20.50 -2.21
C LEU A 266 18.21 21.28 -1.36
N THR A 267 19.00 20.61 -0.54
CA THR A 267 20.07 21.27 0.25
C THR A 267 21.06 21.94 -0.71
N HIS A 268 21.50 21.19 -1.74
N HIS A 268 21.56 21.26 -1.74
CA HIS A 268 22.40 21.61 -2.85
CA HIS A 268 22.50 21.91 -2.67
C HIS A 268 21.89 22.90 -3.52
C HIS A 268 21.83 23.13 -3.30
N MET A 269 20.57 23.01 -3.73
CA MET A 269 19.92 24.16 -4.39
C MET A 269 19.72 25.33 -3.43
N LEU A 270 19.56 25.09 -2.13
CA LEU A 270 19.34 26.21 -1.18
C LEU A 270 20.70 26.89 -0.90
N ASN A 271 21.80 26.14 -0.97
CA ASN A 271 23.14 26.60 -0.53
C ASN A 271 24.01 27.00 -1.73
N GLY A 272 23.81 26.35 -2.89
CA GLY A 272 24.72 26.45 -4.04
C GLY A 272 24.70 27.83 -4.69
N LYS A 273 25.84 28.23 -5.24
CA LYS A 273 26.03 29.51 -5.97
C LYS A 273 26.55 29.15 -7.36
N ASP A 274 25.97 29.76 -8.39
CA ASP A 274 26.50 29.65 -9.79
C ASP A 274 27.90 30.25 -9.81
N PRO A 275 28.96 29.48 -10.14
CA PRO A 275 30.30 30.06 -10.21
C PRO A 275 30.46 31.20 -11.24
N GLU A 276 29.63 31.22 -12.29
CA GLU A 276 29.68 32.27 -13.35
C GLU A 276 29.15 33.60 -12.80
N THR A 277 27.87 33.63 -12.45
CA THR A 277 27.17 34.86 -11.98
C THR A 277 27.48 35.10 -10.51
N GLY A 278 27.83 34.06 -9.75
CA GLY A 278 27.92 34.10 -8.28
C GLY A 278 26.55 34.11 -7.61
N GLU A 279 25.45 33.93 -8.34
CA GLU A 279 24.08 33.99 -7.78
C GLU A 279 23.59 32.59 -7.42
N PRO A 280 22.77 32.44 -6.36
CA PRO A 280 22.01 31.22 -6.12
C PRO A 280 20.71 31.20 -6.93
N LEU A 281 20.02 30.06 -6.95
CA LEU A 281 18.65 29.96 -7.52
C LEU A 281 17.67 30.60 -6.53
N ASP A 282 16.64 31.26 -7.01
CA ASP A 282 15.55 31.74 -6.11
C ASP A 282 14.56 30.59 -5.85
N ASP A 283 13.74 30.74 -4.81
CA ASP A 283 12.83 29.67 -4.32
C ASP A 283 11.86 29.23 -5.42
N GLU A 284 11.39 30.17 -6.24
CA GLU A 284 10.45 29.82 -7.33
C GLU A 284 11.16 28.88 -8.32
N ASN A 285 12.36 29.22 -8.72
CA ASN A 285 13.10 28.37 -9.70
C ASN A 285 13.39 27.01 -9.06
N ILE A 286 13.71 26.97 -7.78
CA ILE A 286 13.96 25.67 -7.07
C ILE A 286 12.69 24.80 -7.17
N ARG A 287 11.50 25.39 -7.01
CA ARG A 287 10.20 24.66 -7.12
C ARG A 287 10.10 24.01 -8.51
N TYR A 288 10.37 24.78 -9.55
CA TYR A 288 10.28 24.28 -10.94
C TYR A 288 11.28 23.15 -11.14
N GLN A 289 12.47 23.24 -10.57
CA GLN A 289 13.47 22.15 -10.69
C GLN A 289 12.91 20.88 -10.04
N ILE A 290 12.37 21.01 -8.83
CA ILE A 290 11.77 19.83 -8.10
C ILE A 290 10.63 19.24 -8.92
N ILE A 291 9.72 20.07 -9.43
CA ILE A 291 8.59 19.57 -10.27
C ILE A 291 9.16 18.83 -11.48
N THR A 292 10.19 19.38 -12.11
CA THR A 292 10.84 18.76 -13.28
C THR A 292 11.43 17.40 -12.89
N PHE A 293 12.14 17.34 -11.77
CA PHE A 293 12.76 16.07 -11.33
C PHE A 293 11.68 15.00 -11.08
N LEU A 294 10.54 15.40 -10.52
CA LEU A 294 9.45 14.46 -10.17
C LEU A 294 8.79 13.94 -11.46
N ILE A 295 8.63 14.79 -12.48
CA ILE A 295 8.12 14.35 -13.82
C ILE A 295 9.11 13.32 -14.37
N ALA A 296 10.39 13.68 -14.43
CA ALA A 296 11.46 12.86 -15.05
C ALA A 296 11.58 11.52 -14.34
N GLY A 297 11.50 11.52 -13.01
CA GLY A 297 11.76 10.33 -12.17
C GLY A 297 10.57 9.39 -12.13
N HIS A 298 9.43 9.81 -12.66
CA HIS A 298 8.15 9.05 -12.71
C HIS A 298 8.23 8.02 -13.86
N GLU A 299 7.25 7.98 -14.75
CA GLU A 299 7.13 6.89 -15.76
C GLU A 299 8.25 6.98 -16.80
N THR A 300 8.89 8.13 -16.98
CA THR A 300 10.00 8.25 -17.97
C THR A 300 11.14 7.32 -17.53
N THR A 301 11.48 7.32 -16.24
CA THR A 301 12.58 6.45 -15.72
C THR A 301 12.08 5.01 -15.51
N SER A 302 10.88 4.79 -14.98
CA SER A 302 10.38 3.42 -14.72
C SER A 302 10.20 2.67 -16.05
N GLY A 303 9.87 3.39 -17.13
CA GLY A 303 9.79 2.81 -18.49
C GLY A 303 11.02 2.01 -18.84
N LEU A 304 12.22 2.53 -18.54
CA LEU A 304 13.49 1.82 -18.82
C LEU A 304 13.45 0.47 -18.12
N LEU A 305 13.09 0.44 -16.84
CA LEU A 305 13.07 -0.83 -16.09
C LEU A 305 11.99 -1.76 -16.65
N SER A 306 10.81 -1.25 -17.02
CA SER A 306 9.70 -2.07 -17.57
C SER A 306 10.13 -2.70 -18.89
N PHE A 307 10.78 -1.94 -19.78
CA PHE A 307 11.25 -2.46 -21.09
C PHE A 307 12.39 -3.46 -20.88
N ALA A 308 13.31 -3.16 -19.97
CA ALA A 308 14.45 -4.06 -19.67
C ALA A 308 13.92 -5.43 -19.24
N LEU A 309 13.01 -5.47 -18.25
CA LEU A 309 12.45 -6.76 -17.79
C LEU A 309 11.66 -7.43 -18.93
N TYR A 310 10.90 -6.68 -19.73
CA TYR A 310 10.18 -7.23 -20.89
C TYR A 310 11.18 -7.99 -21.79
N PHE A 311 12.25 -7.32 -22.21
CA PHE A 311 13.23 -7.93 -23.13
C PHE A 311 13.91 -9.11 -22.45
N LEU A 312 14.14 -9.05 -21.14
CA LEU A 312 14.83 -10.15 -20.44
C LEU A 312 13.92 -11.39 -20.46
N VAL A 313 12.62 -11.26 -20.19
CA VAL A 313 11.73 -12.46 -20.14
C VAL A 313 11.48 -12.98 -21.56
N LYS A 314 11.65 -12.16 -22.59
CA LYS A 314 11.47 -12.58 -23.99
C LYS A 314 12.78 -13.14 -24.55
N ASN A 315 13.88 -13.07 -23.80
CA ASN A 315 15.21 -13.53 -24.24
C ASN A 315 15.88 -14.27 -23.09
N PRO A 316 15.40 -15.49 -22.76
CA PRO A 316 15.87 -16.21 -21.59
C PRO A 316 17.39 -16.48 -21.49
N HIS A 317 18.10 -16.60 -22.61
CA HIS A 317 19.58 -16.78 -22.56
C HIS A 317 20.22 -15.47 -22.08
N VAL A 318 19.64 -14.34 -22.45
CA VAL A 318 20.14 -13.00 -22.01
C VAL A 318 19.84 -12.84 -20.52
N LEU A 319 18.65 -13.24 -20.08
CA LEU A 319 18.27 -13.20 -18.64
C LEU A 319 19.27 -14.04 -17.85
N GLN A 320 19.56 -15.26 -18.28
CA GLN A 320 20.49 -16.16 -17.57
C GLN A 320 21.86 -15.49 -17.43
N LYS A 321 22.38 -14.86 -18.48
CA LYS A 321 23.72 -14.24 -18.47
C LYS A 321 23.70 -13.06 -17.49
N ALA A 322 22.64 -12.25 -17.49
CA ALA A 322 22.46 -11.13 -16.54
C ALA A 322 22.33 -11.66 -15.11
N ALA A 323 21.60 -12.77 -14.90
CA ALA A 323 21.41 -13.37 -13.56
C ALA A 323 22.73 -13.93 -13.03
N GLU A 324 23.57 -14.51 -13.89
N GLU A 324 23.54 -14.53 -13.90
CA GLU A 324 24.90 -15.06 -13.50
CA GLU A 324 24.90 -15.05 -13.56
C GLU A 324 25.82 -13.91 -13.04
C GLU A 324 25.72 -13.89 -13.00
N GLU A 325 25.77 -12.76 -13.71
CA GLU A 325 26.55 -11.58 -13.29
C GLU A 325 26.04 -11.08 -11.93
N ALA A 326 24.72 -10.93 -11.76
CA ALA A 326 24.11 -10.42 -10.50
C ALA A 326 24.54 -11.33 -9.33
N ALA A 327 24.48 -12.65 -9.50
CA ALA A 327 24.83 -13.61 -8.43
C ALA A 327 26.34 -13.53 -8.15
N ARG A 328 27.17 -13.36 -9.17
CA ARG A 328 28.65 -13.34 -9.00
C ARG A 328 29.05 -12.04 -8.27
N VAL A 329 28.44 -10.92 -8.62
CA VAL A 329 28.89 -9.56 -8.20
C VAL A 329 28.25 -9.18 -6.85
N LEU A 330 26.93 -9.40 -6.70
CA LEU A 330 26.14 -8.93 -5.53
C LEU A 330 26.22 -9.98 -4.41
N VAL A 331 27.38 -10.07 -3.76
CA VAL A 331 27.70 -11.16 -2.79
C VAL A 331 27.27 -10.76 -1.38
N ASP A 332 26.88 -9.50 -1.15
CA ASP A 332 26.51 -8.98 0.20
C ASP A 332 24.99 -8.83 0.24
N PRO A 333 24.35 -8.90 1.43
CA PRO A 333 22.90 -8.77 1.54
C PRO A 333 22.34 -7.47 0.94
N VAL A 334 23.09 -6.37 1.04
N VAL A 334 23.11 -6.38 1.03
CA VAL A 334 22.75 -5.08 0.35
CA VAL A 334 22.78 -5.07 0.39
C VAL A 334 23.87 -4.75 -0.62
C VAL A 334 23.88 -4.76 -0.62
N PRO A 335 23.56 -4.34 -1.86
CA PRO A 335 24.59 -3.93 -2.82
C PRO A 335 25.30 -2.63 -2.41
N SER A 336 26.63 -2.61 -2.59
CA SER A 336 27.47 -1.41 -2.41
C SER A 336 27.49 -0.62 -3.72
N TYR A 337 27.86 0.66 -3.63
CA TYR A 337 28.05 1.53 -4.82
C TYR A 337 29.05 0.88 -5.79
N LYS A 338 30.16 0.36 -5.29
CA LYS A 338 31.22 -0.24 -6.14
C LYS A 338 30.65 -1.48 -6.86
N GLN A 339 29.84 -2.28 -6.18
CA GLN A 339 29.23 -3.52 -6.75
C GLN A 339 28.29 -3.14 -7.91
N VAL A 340 27.50 -2.08 -7.75
CA VAL A 340 26.59 -1.64 -8.85
C VAL A 340 27.45 -1.26 -10.06
N LYS A 341 28.56 -0.55 -9.85
CA LYS A 341 29.47 -0.15 -10.95
C LYS A 341 30.07 -1.38 -11.65
N GLN A 342 30.12 -2.55 -11.02
CA GLN A 342 30.71 -3.78 -11.59
C GLN A 342 29.65 -4.62 -12.33
N LEU A 343 28.38 -4.19 -12.38
CA LEU A 343 27.32 -4.92 -13.10
C LEU A 343 27.33 -4.51 -14.57
N LYS A 344 28.39 -4.88 -15.28
CA LYS A 344 28.66 -4.45 -16.67
C LYS A 344 27.55 -4.97 -17.60
N TYR A 345 27.22 -6.25 -17.53
CA TYR A 345 26.20 -6.85 -18.41
C TYR A 345 24.83 -6.27 -18.08
N VAL A 346 24.51 -6.03 -16.81
CA VAL A 346 23.23 -5.35 -16.47
C VAL A 346 23.20 -3.95 -17.12
N GLY A 347 24.33 -3.22 -17.11
CA GLY A 347 24.47 -1.93 -17.82
C GLY A 347 24.20 -2.08 -19.32
N MET A 348 24.73 -3.15 -19.93
CA MET A 348 24.54 -3.44 -21.38
C MET A 348 23.06 -3.73 -21.68
N VAL A 349 22.40 -4.49 -20.80
CA VAL A 349 20.94 -4.80 -20.91
C VAL A 349 20.16 -3.47 -20.92
N LEU A 350 20.46 -2.56 -20.00
CA LEU A 350 19.73 -1.27 -19.91
C LEU A 350 19.99 -0.43 -21.16
N ASN A 351 21.23 -0.39 -21.67
CA ASN A 351 21.56 0.38 -22.89
C ASN A 351 20.78 -0.21 -24.07
N GLU A 352 20.61 -1.54 -24.13
CA GLU A 352 19.93 -2.20 -25.28
C GLU A 352 18.42 -1.95 -25.18
N ALA A 353 17.86 -1.81 -23.95
CA ALA A 353 16.46 -1.39 -23.75
C ALA A 353 16.26 0.07 -24.19
N LEU A 354 17.21 0.95 -23.86
CA LEU A 354 17.20 2.37 -24.29
C LEU A 354 17.37 2.47 -25.81
N ARG A 355 18.11 1.55 -26.43
CA ARG A 355 18.25 1.58 -27.90
C ARG A 355 16.85 1.38 -28.51
N LEU A 356 16.14 0.32 -28.13
CA LEU A 356 14.90 -0.06 -28.83
C LEU A 356 13.76 0.86 -28.45
N TRP A 357 13.59 1.18 -27.15
CA TRP A 357 12.42 1.98 -26.72
C TRP A 357 12.88 3.10 -25.79
N PRO A 358 13.59 4.12 -26.32
CA PRO A 358 14.02 5.24 -25.49
C PRO A 358 12.77 5.91 -24.95
N THR A 359 12.71 6.12 -23.62
CA THR A 359 11.47 6.56 -22.93
C THR A 359 11.25 8.07 -23.01
N ALA A 360 12.19 8.86 -23.54
CA ALA A 360 11.92 10.26 -23.96
C ALA A 360 12.24 10.35 -25.44
N PRO A 361 11.32 9.83 -26.31
CA PRO A 361 11.69 9.38 -27.65
C PRO A 361 11.96 10.46 -28.72
N ALA A 362 11.84 11.73 -28.38
CA ALA A 362 12.17 12.78 -29.37
C ALA A 362 12.69 14.04 -28.69
N PHE A 363 13.47 14.83 -29.41
CA PHE A 363 13.81 16.20 -28.97
C PHE A 363 13.88 17.12 -30.18
N SER A 364 13.73 18.41 -29.92
CA SER A 364 13.52 19.43 -30.97
C SER A 364 14.71 20.40 -30.98
N LEU A 365 15.12 20.82 -32.18
CA LEU A 365 16.24 21.76 -32.40
C LEU A 365 15.78 22.89 -33.31
N TYR A 366 16.45 24.03 -33.22
CA TYR A 366 16.30 25.10 -34.22
C TYR A 366 17.67 25.49 -34.77
N ALA A 367 17.68 25.92 -36.02
CA ALA A 367 18.88 26.38 -36.74
C ALA A 367 19.32 27.75 -36.20
N LYS A 368 20.56 27.84 -35.71
CA LYS A 368 21.11 29.11 -35.15
C LYS A 368 21.39 30.09 -36.30
N GLU A 369 21.69 29.57 -37.48
CA GLU A 369 21.98 30.38 -38.70
C GLU A 369 21.41 29.64 -39.91
N ASP A 370 21.24 30.35 -41.04
CA ASP A 370 21.05 29.70 -42.36
C ASP A 370 22.11 28.60 -42.49
N THR A 371 21.73 27.40 -42.90
CA THR A 371 22.67 26.27 -43.05
C THR A 371 22.08 25.23 -44.00
N VAL A 372 22.93 24.37 -44.52
CA VAL A 372 22.51 23.27 -45.43
C VAL A 372 22.71 21.96 -44.69
N LEU A 373 21.64 21.17 -44.56
CA LEU A 373 21.68 19.84 -43.91
C LEU A 373 22.03 18.76 -44.94
N GLY A 374 23.07 17.96 -44.67
CA GLY A 374 23.40 16.76 -45.45
C GLY A 374 23.76 17.08 -46.90
N GLY A 375 24.24 18.29 -47.17
CA GLY A 375 24.64 18.75 -48.52
C GLY A 375 23.46 18.92 -49.47
N GLU A 376 22.22 18.87 -48.96
CA GLU A 376 21.01 18.80 -49.86
C GLU A 376 19.82 19.61 -49.35
N TYR A 377 19.67 19.81 -48.03
CA TYR A 377 18.44 20.40 -47.46
C TYR A 377 18.77 21.77 -46.86
N PRO A 378 18.60 22.88 -47.62
CA PRO A 378 18.83 24.22 -47.09
C PRO A 378 17.80 24.56 -46.00
N LEU A 379 18.26 25.13 -44.88
CA LEU A 379 17.40 25.59 -43.76
C LEU A 379 17.66 27.09 -43.53
N GLU A 380 16.61 27.85 -43.25
N GLU A 380 16.60 27.84 -43.23
CA GLU A 380 16.72 29.26 -42.79
CA GLU A 380 16.66 29.24 -42.76
C GLU A 380 16.96 29.26 -41.28
C GLU A 380 16.97 29.24 -41.26
N LYS A 381 17.67 30.27 -40.77
CA LYS A 381 17.75 30.54 -39.32
C LYS A 381 16.36 30.40 -38.69
N GLY A 382 16.29 29.65 -37.59
CA GLY A 382 15.04 29.44 -36.85
C GLY A 382 14.31 28.17 -37.28
N ASP A 383 14.67 27.56 -38.42
CA ASP A 383 13.95 26.36 -38.93
C ASP A 383 14.09 25.22 -37.92
N GLU A 384 13.02 24.47 -37.72
CA GLU A 384 12.97 23.45 -36.64
C GLU A 384 13.21 22.05 -37.18
N LEU A 385 13.94 21.25 -36.40
CA LEU A 385 14.18 19.79 -36.58
C LEU A 385 13.60 19.06 -35.38
N MET A 386 13.14 17.83 -35.61
CA MET A 386 12.72 16.87 -34.57
C MET A 386 13.57 15.64 -34.77
N VAL A 387 14.28 15.22 -33.73
CA VAL A 387 15.09 13.98 -33.78
C VAL A 387 14.19 12.84 -33.31
N LEU A 388 13.96 11.84 -34.16
CA LEU A 388 13.13 10.66 -33.80
C LEU A 388 14.07 9.56 -33.27
N ILE A 389 14.28 9.50 -31.95
CA ILE A 389 15.37 8.67 -31.36
C ILE A 389 15.14 7.18 -31.66
N PRO A 390 13.92 6.61 -31.55
CA PRO A 390 13.75 5.17 -31.81
C PRO A 390 14.20 4.80 -33.24
N GLN A 391 13.99 5.71 -34.21
CA GLN A 391 14.36 5.49 -35.64
C GLN A 391 15.88 5.61 -35.79
N LEU A 392 16.47 6.64 -35.19
CA LEU A 392 17.95 6.78 -35.15
C LEU A 392 18.56 5.45 -34.67
N HIS A 393 17.98 4.83 -33.63
CA HIS A 393 18.54 3.61 -32.98
C HIS A 393 18.28 2.36 -33.83
N ARG A 394 17.57 2.51 -34.96
CA ARG A 394 17.30 1.43 -35.95
C ARG A 394 18.00 1.72 -37.28
N ASP A 395 18.94 2.67 -37.32
CA ASP A 395 19.75 2.98 -38.53
C ASP A 395 20.66 1.78 -38.84
N LYS A 396 20.37 1.05 -39.92
CA LYS A 396 21.08 -0.21 -40.25
C LYS A 396 22.53 0.08 -40.66
N THR A 397 22.84 1.29 -41.12
CA THR A 397 24.24 1.61 -41.50
C THR A 397 25.11 1.64 -40.25
N ILE A 398 24.53 1.90 -39.06
CA ILE A 398 25.29 1.96 -37.77
C ILE A 398 25.26 0.58 -37.11
N TRP A 399 24.07 -0.01 -36.99
CA TRP A 399 23.84 -1.14 -36.05
C TRP A 399 23.92 -2.50 -36.75
N GLY A 400 23.90 -2.54 -38.08
CA GLY A 400 23.78 -3.82 -38.83
C GLY A 400 22.34 -4.13 -39.14
N ASP A 401 22.06 -5.26 -39.79
CA ASP A 401 20.72 -5.54 -40.37
C ASP A 401 19.71 -5.86 -39.26
N ASP A 402 20.10 -6.56 -38.21
CA ASP A 402 19.13 -7.14 -37.25
C ASP A 402 18.83 -6.12 -36.13
N VAL A 403 18.38 -4.91 -36.49
CA VAL A 403 18.14 -3.78 -35.54
C VAL A 403 17.01 -4.12 -34.57
N GLU A 404 16.12 -5.06 -34.91
CA GLU A 404 14.96 -5.39 -34.03
C GLU A 404 15.41 -6.39 -32.95
N GLU A 405 16.57 -6.99 -33.07
CA GLU A 405 16.99 -8.03 -32.09
C GLU A 405 17.44 -7.34 -30.81
N PHE A 406 17.08 -7.91 -29.66
CA PHE A 406 17.62 -7.49 -28.34
C PHE A 406 18.96 -8.21 -28.13
N ARG A 407 20.07 -7.49 -28.29
CA ARG A 407 21.44 -8.04 -28.14
C ARG A 407 22.29 -7.09 -27.30
N PRO A 408 22.36 -7.26 -25.96
CA PRO A 408 23.16 -6.40 -25.10
C PRO A 408 24.64 -6.34 -25.49
N GLU A 409 25.12 -7.37 -26.21
CA GLU A 409 26.55 -7.49 -26.63
C GLU A 409 26.90 -6.36 -27.61
N ARG A 410 25.92 -5.65 -28.19
CA ARG A 410 26.21 -4.45 -29.01
C ARG A 410 26.99 -3.42 -28.18
N PHE A 411 26.81 -3.43 -26.86
CA PHE A 411 27.39 -2.45 -25.90
C PHE A 411 28.58 -3.05 -25.14
N GLU A 412 29.15 -4.16 -25.62
CA GLU A 412 30.40 -4.74 -25.02
C GLU A 412 31.42 -3.61 -24.78
N ASN A 413 31.64 -2.77 -25.79
CA ASN A 413 32.52 -1.58 -25.70
C ASN A 413 31.71 -0.38 -26.20
N PRO A 414 31.10 0.40 -25.28
CA PRO A 414 30.24 1.50 -25.68
C PRO A 414 30.96 2.59 -26.50
N SER A 415 32.28 2.68 -26.37
N SER A 415 32.28 2.70 -26.40
CA SER A 415 33.18 3.60 -27.12
CA SER A 415 33.07 3.70 -27.15
C SER A 415 33.14 3.29 -28.63
C SER A 415 33.19 3.29 -28.62
N ALA A 416 32.82 2.04 -28.98
CA ALA A 416 32.77 1.58 -30.38
C ALA A 416 31.61 2.27 -31.13
N ILE A 417 30.60 2.77 -30.40
N ILE A 417 30.60 2.77 -30.41
CA ILE A 417 29.42 3.43 -31.03
CA ILE A 417 29.42 3.42 -31.05
C ILE A 417 29.84 4.80 -31.58
C ILE A 417 29.84 4.80 -31.58
N PRO A 418 29.62 5.10 -32.88
CA PRO A 418 29.96 6.42 -33.40
C PRO A 418 29.24 7.56 -32.67
N GLN A 419 29.80 8.76 -32.82
CA GLN A 419 29.24 9.97 -32.19
C GLN A 419 27.82 10.19 -32.74
N HIS A 420 26.88 10.45 -31.85
CA HIS A 420 25.50 10.89 -32.21
C HIS A 420 24.71 9.73 -32.84
N ALA A 421 25.10 8.49 -32.57
CA ALA A 421 24.37 7.29 -33.05
C ALA A 421 23.43 6.77 -31.96
N PHE A 422 23.76 6.99 -30.70
CA PHE A 422 22.97 6.46 -29.55
C PHE A 422 22.65 7.63 -28.64
N LYS A 423 21.42 8.12 -28.67
CA LYS A 423 21.11 9.44 -28.04
C LYS A 423 19.86 9.36 -27.19
N PRO A 424 19.68 8.32 -26.34
CA PRO A 424 18.50 8.25 -25.49
C PRO A 424 18.44 9.37 -24.41
N PHE A 425 19.55 10.05 -24.19
CA PHE A 425 19.65 11.15 -23.19
C PHE A 425 19.86 12.52 -23.86
N GLY A 426 19.55 12.66 -25.16
CA GLY A 426 19.65 13.97 -25.83
C GLY A 426 21.09 14.35 -26.14
N ASN A 427 21.36 15.64 -26.21
CA ASN A 427 22.60 16.13 -26.88
C ASN A 427 23.25 17.29 -26.15
N GLY A 428 24.58 17.22 -25.99
CA GLY A 428 25.48 18.33 -25.64
C GLY A 428 25.14 18.95 -24.29
N GLN A 429 25.15 20.28 -24.21
CA GLN A 429 24.88 20.99 -22.92
C GLN A 429 23.39 20.87 -22.55
N ARG A 430 22.53 20.50 -23.50
CA ARG A 430 21.08 20.27 -23.22
C ARG A 430 20.78 18.78 -23.03
N ALA A 431 21.79 17.95 -22.82
CA ALA A 431 21.62 16.51 -22.55
C ALA A 431 20.96 16.32 -21.17
N CYS A 432 20.41 15.14 -20.96
CA CYS A 432 19.78 14.74 -19.68
C CYS A 432 20.76 15.00 -18.52
N ILE A 433 20.36 15.76 -17.50
CA ILE A 433 21.19 15.92 -16.27
C ILE A 433 21.07 14.68 -15.37
N GLY A 434 19.98 13.93 -15.49
CA GLY A 434 19.64 12.78 -14.63
C GLY A 434 20.23 11.45 -15.10
N GLN A 435 21.02 11.43 -16.18
CA GLN A 435 21.42 10.17 -16.88
C GLN A 435 22.11 9.22 -15.88
N GLN A 436 23.06 9.71 -15.09
CA GLN A 436 23.85 8.86 -14.15
C GLN A 436 22.94 8.38 -13.02
N PHE A 437 22.04 9.24 -12.55
CA PHE A 437 21.04 8.91 -11.51
C PHE A 437 20.13 7.78 -12.00
N ALA A 438 19.53 7.95 -13.19
CA ALA A 438 18.60 6.98 -13.80
C ALA A 438 19.32 5.64 -13.95
N LEU A 439 20.55 5.63 -14.48
CA LEU A 439 21.27 4.38 -14.77
C LEU A 439 21.74 3.72 -13.47
N HIS A 440 22.13 4.49 -12.46
CA HIS A 440 22.53 3.90 -11.14
C HIS A 440 21.33 3.22 -10.48
N GLU A 441 20.21 3.94 -10.39
N GLU A 441 20.17 3.89 -10.38
CA GLU A 441 18.93 3.43 -9.86
CA GLU A 441 18.99 3.27 -9.73
C GLU A 441 18.54 2.14 -10.59
C GLU A 441 18.50 2.08 -10.58
N ALA A 442 18.51 2.18 -11.92
CA ALA A 442 18.03 1.08 -12.78
C ALA A 442 19.00 -0.11 -12.63
N THR A 443 20.30 0.14 -12.61
CA THR A 443 21.30 -0.97 -12.52
C THR A 443 21.17 -1.66 -11.16
N LEU A 444 21.05 -0.88 -10.08
CA LEU A 444 20.92 -1.39 -8.69
C LEU A 444 19.69 -2.31 -8.58
N VAL A 445 18.52 -1.82 -8.97
N VAL A 445 18.50 -1.82 -8.96
CA VAL A 445 17.27 -2.57 -8.72
CA VAL A 445 17.24 -2.58 -8.72
C VAL A 445 17.22 -3.79 -9.66
C VAL A 445 17.20 -3.79 -9.67
N LEU A 446 17.61 -3.64 -10.93
CA LEU A 446 17.62 -4.79 -11.88
C LEU A 446 18.64 -5.85 -11.39
N GLY A 447 19.80 -5.41 -10.90
CA GLY A 447 20.78 -6.29 -10.23
C GLY A 447 20.13 -7.10 -9.13
N MET A 448 19.42 -6.43 -8.22
CA MET A 448 18.80 -7.10 -7.06
C MET A 448 17.67 -8.04 -7.52
N MET A 449 16.85 -7.61 -8.48
CA MET A 449 15.75 -8.43 -9.03
C MET A 449 16.34 -9.75 -9.59
N LEU A 450 17.44 -9.66 -10.35
CA LEU A 450 18.04 -10.83 -11.03
C LEU A 450 18.77 -11.71 -9.99
N LYS A 451 19.21 -11.16 -8.88
CA LYS A 451 19.82 -11.93 -7.78
C LYS A 451 18.72 -12.70 -7.04
N HIS A 452 17.56 -12.08 -6.81
CA HIS A 452 16.58 -12.55 -5.80
C HIS A 452 15.45 -13.41 -6.38
N PHE A 453 15.17 -13.35 -7.69
CA PHE A 453 13.99 -13.98 -8.31
C PHE A 453 14.34 -14.65 -9.65
N ASP A 454 13.65 -15.75 -9.94
CA ASP A 454 13.45 -16.24 -11.32
C ASP A 454 12.16 -15.62 -11.82
N PHE A 455 12.06 -15.33 -13.12
CA PHE A 455 10.89 -14.65 -13.74
C PHE A 455 10.20 -15.57 -14.76
N GLU A 456 8.87 -15.46 -14.82
CA GLU A 456 8.01 -16.21 -15.76
C GLU A 456 7.14 -15.20 -16.52
N ASP A 457 7.15 -15.30 -17.84
CA ASP A 457 6.22 -14.60 -18.74
C ASP A 457 4.95 -15.45 -18.83
N HIS A 458 4.16 -15.49 -17.76
CA HIS A 458 3.09 -16.50 -17.55
C HIS A 458 1.90 -16.25 -18.48
N THR A 459 1.75 -15.05 -19.03
CA THR A 459 0.64 -14.71 -19.96
C THR A 459 1.11 -14.74 -21.42
N ASN A 460 2.40 -14.95 -21.69
CA ASN A 460 3.02 -14.79 -23.03
C ASN A 460 2.65 -13.39 -23.52
N TYR A 461 3.05 -12.39 -22.74
CA TYR A 461 2.61 -10.98 -22.92
C TYR A 461 2.91 -10.49 -24.34
N GLU A 462 1.91 -9.86 -24.96
N GLU A 462 1.91 -9.87 -24.96
CA GLU A 462 2.04 -9.20 -26.28
CA GLU A 462 2.04 -9.21 -26.29
C GLU A 462 2.34 -7.72 -26.05
C GLU A 462 2.34 -7.73 -26.07
N LEU A 463 3.52 -7.27 -26.48
CA LEU A 463 3.94 -5.85 -26.29
C LEU A 463 2.87 -4.94 -26.86
N ASP A 464 2.40 -4.02 -26.03
CA ASP A 464 1.47 -2.94 -26.40
C ASP A 464 2.03 -1.66 -25.77
N ILE A 465 2.55 -0.74 -26.57
CA ILE A 465 3.28 0.45 -26.05
C ILE A 465 2.29 1.61 -25.94
N LYS A 466 1.97 1.99 -24.70
CA LYS A 466 1.09 3.15 -24.41
C LYS A 466 1.97 4.39 -24.45
N GLU A 467 1.49 5.44 -25.13
CA GLU A 467 2.23 6.71 -25.28
C GLU A 467 1.55 7.79 -24.45
N THR A 468 2.34 8.45 -23.60
CA THR A 468 1.96 9.64 -22.80
C THR A 468 2.98 10.72 -23.15
N LEU A 469 3.55 11.41 -22.16
CA LEU A 469 4.83 12.11 -22.38
C LEU A 469 5.92 11.04 -22.58
N THR A 470 5.66 9.80 -22.20
CA THR A 470 6.67 8.71 -22.25
C THR A 470 6.07 7.47 -22.92
N LEU A 471 6.79 6.36 -22.85
CA LEU A 471 6.41 5.06 -23.47
C LEU A 471 6.40 4.04 -22.34
N LYS A 472 5.48 3.09 -22.39
CA LYS A 472 5.49 1.97 -21.43
C LYS A 472 4.82 0.75 -22.05
N PRO A 473 5.28 -0.45 -21.64
CA PRO A 473 4.66 -1.70 -22.06
C PRO A 473 3.37 -1.90 -21.25
N GLU A 474 2.23 -1.43 -21.79
CA GLU A 474 0.95 -1.40 -21.03
C GLU A 474 0.51 -2.84 -20.74
N GLY A 475 0.10 -3.09 -19.50
CA GLY A 475 -0.39 -4.41 -19.04
C GLY A 475 0.71 -5.46 -18.92
N PHE A 476 1.98 -5.07 -18.93
CA PHE A 476 3.08 -6.05 -18.78
C PHE A 476 3.04 -6.63 -17.38
N VAL A 477 2.90 -7.96 -17.30
CA VAL A 477 2.84 -8.72 -16.03
C VAL A 477 3.78 -9.92 -16.11
N VAL A 478 4.34 -10.29 -14.97
CA VAL A 478 5.19 -11.49 -14.78
C VAL A 478 4.84 -12.16 -13.45
N LYS A 479 5.34 -13.37 -13.25
CA LYS A 479 5.43 -14.01 -11.93
C LYS A 479 6.91 -14.07 -11.56
N ALA A 480 7.19 -13.81 -10.29
CA ALA A 480 8.55 -13.86 -9.73
C ALA A 480 8.57 -14.96 -8.67
N LYS A 481 9.52 -15.89 -8.80
CA LYS A 481 9.67 -17.00 -7.83
C LYS A 481 10.97 -16.75 -7.06
N SER A 482 10.87 -16.58 -5.75
CA SER A 482 12.02 -16.26 -4.89
C SER A 482 13.10 -17.34 -5.02
N LYS A 483 14.36 -16.92 -5.13
CA LYS A 483 15.54 -17.80 -4.93
C LYS A 483 15.82 -17.96 -3.42
N LYS A 484 14.99 -17.36 -2.55
CA LYS A 484 15.07 -17.49 -1.07
C LYS A 484 16.47 -17.08 -0.59
N ILE A 485 16.97 -15.94 -1.07
CA ILE A 485 18.28 -15.38 -0.63
C ILE A 485 18.00 -14.22 0.32
N PRO A 486 18.51 -14.26 1.58
CA PRO A 486 18.19 -13.23 2.57
C PRO A 486 18.66 -11.82 2.19
N LEU A 487 18.04 -10.81 2.81
CA LEU A 487 18.40 -9.36 2.70
C LEU A 487 19.09 -8.90 4.00
N LYS B 35 -40.34 -10.84 42.36
CA LYS B 35 -39.93 -9.51 41.81
C LYS B 35 -40.23 -9.46 40.30
N GLU B 36 -41.12 -8.56 39.87
CA GLU B 36 -41.36 -8.23 38.44
C GLU B 36 -40.17 -7.42 37.92
N MET B 37 -39.50 -7.88 36.86
CA MET B 37 -38.29 -7.18 36.36
C MET B 37 -38.69 -6.04 35.43
N PRO B 38 -37.90 -4.94 35.43
CA PRO B 38 -38.10 -3.83 34.50
C PRO B 38 -38.16 -4.23 33.02
N GLN B 39 -38.58 -3.26 32.19
CA GLN B 39 -38.71 -3.39 30.72
C GLN B 39 -38.58 -2.01 30.11
N PRO B 40 -37.83 -1.83 28.99
CA PRO B 40 -37.64 -0.50 28.43
C PRO B 40 -38.94 -0.09 27.70
N LYS B 41 -38.99 1.14 27.19
CA LYS B 41 -40.19 1.66 26.45
C LYS B 41 -40.56 0.74 25.26
N THR B 42 -41.86 0.70 24.91
CA THR B 42 -42.41 -0.17 23.85
C THR B 42 -42.98 0.67 22.69
N PHE B 43 -43.24 -0.01 21.57
CA PHE B 43 -43.69 0.54 20.26
C PHE B 43 -44.90 -0.29 19.80
N GLY B 44 -45.99 -0.27 20.59
CA GLY B 44 -47.19 -1.09 20.39
C GLY B 44 -46.86 -2.57 20.16
N GLU B 45 -47.30 -3.13 19.02
CA GLU B 45 -47.20 -4.58 18.70
C GLU B 45 -45.73 -4.99 18.47
N LEU B 46 -44.85 -4.03 18.15
CA LEU B 46 -43.40 -4.29 17.90
C LEU B 46 -42.65 -4.43 19.24
N LYS B 47 -43.32 -4.12 20.36
CA LYS B 47 -42.76 -4.24 21.74
C LYS B 47 -41.47 -3.40 21.81
N ASN B 48 -40.33 -4.00 22.18
CA ASN B 48 -39.06 -3.25 22.40
C ASN B 48 -38.20 -3.32 21.13
N LEU B 49 -38.65 -4.03 20.08
CA LEU B 49 -37.80 -4.33 18.90
C LEU B 49 -37.16 -3.05 18.36
N PRO B 50 -37.93 -1.95 18.09
CA PRO B 50 -37.37 -0.74 17.48
C PRO B 50 -36.24 0.01 18.23
N LEU B 51 -35.96 -0.38 19.47
CA LEU B 51 -34.85 0.22 20.28
C LEU B 51 -33.50 -0.20 19.67
N LEU B 52 -33.52 -1.28 18.88
CA LEU B 52 -32.37 -1.94 18.19
C LEU B 52 -32.14 -1.27 16.82
N ASN B 53 -33.13 -0.49 16.36
CA ASN B 53 -33.09 0.28 15.09
C ASN B 53 -32.29 1.57 15.35
N THR B 54 -30.98 1.42 15.51
CA THR B 54 -29.99 2.48 15.83
C THR B 54 -28.65 1.95 15.36
N ASP B 55 -27.73 2.85 15.04
CA ASP B 55 -26.38 2.50 14.56
C ASP B 55 -25.50 2.12 15.75
N LYS B 56 -25.94 2.39 16.99
CA LYS B 56 -25.12 2.16 18.22
C LYS B 56 -25.95 1.40 19.24
N PRO B 57 -26.40 0.15 18.93
CA PRO B 57 -27.31 -0.58 19.81
C PRO B 57 -26.69 -0.92 21.17
N VAL B 58 -25.42 -1.28 21.20
CA VAL B 58 -24.77 -1.65 22.48
C VAL B 58 -24.74 -0.43 23.39
N GLN B 59 -24.34 0.71 22.86
CA GLN B 59 -24.29 1.98 23.65
C GLN B 59 -25.71 2.35 24.10
N ALA B 60 -26.71 2.09 23.26
CA ALA B 60 -28.13 2.36 23.59
C ALA B 60 -28.54 1.45 24.75
N LEU B 61 -28.22 0.15 24.70
CA LEU B 61 -28.54 -0.83 25.76
C LEU B 61 -27.79 -0.51 27.06
N MET B 62 -26.59 0.08 26.97
CA MET B 62 -25.84 0.49 28.18
C MET B 62 -26.60 1.63 28.89
N LYS B 63 -27.13 2.61 28.15
CA LYS B 63 -27.93 3.72 28.75
C LYS B 63 -29.23 3.16 29.36
N ILE B 64 -29.88 2.22 28.66
CA ILE B 64 -31.09 1.54 29.21
C ILE B 64 -30.72 0.86 30.54
N ALA B 65 -29.64 0.08 30.56
CA ALA B 65 -29.17 -0.64 31.76
C ALA B 65 -28.90 0.36 32.91
N ASP B 66 -28.26 1.50 32.62
CA ASP B 66 -28.00 2.52 33.67
C ASP B 66 -29.33 2.94 34.30
N GLU B 67 -30.38 3.09 33.49
CA GLU B 67 -31.70 3.52 33.98
C GLU B 67 -32.41 2.38 34.73
N LEU B 68 -32.41 1.16 34.20
CA LEU B 68 -33.32 0.08 34.67
C LEU B 68 -32.60 -0.86 35.66
N GLY B 69 -31.28 -0.88 35.64
CA GLY B 69 -30.50 -1.61 36.64
C GLY B 69 -30.08 -2.99 36.13
N GLU B 70 -29.93 -3.94 37.05
CA GLU B 70 -29.09 -5.15 36.84
C GLU B 70 -29.78 -6.14 35.89
N ILE B 71 -31.08 -6.02 35.66
CA ILE B 71 -31.83 -6.95 34.78
C ILE B 71 -33.02 -6.20 34.17
N PHE B 72 -33.25 -6.38 32.89
CA PHE B 72 -34.45 -5.88 32.20
C PHE B 72 -34.80 -6.81 31.05
N LYS B 73 -36.09 -6.84 30.77
CA LYS B 73 -36.70 -7.77 29.81
C LYS B 73 -36.79 -6.99 28.52
N PHE B 74 -36.52 -7.67 27.43
CA PHE B 74 -36.66 -7.15 26.06
C PHE B 74 -37.59 -8.12 25.34
N GLU B 75 -38.78 -7.65 24.98
CA GLU B 75 -39.76 -8.46 24.23
C GLU B 75 -39.75 -7.95 22.79
N ALA B 76 -39.77 -8.87 21.83
CA ALA B 76 -40.08 -8.60 20.41
C ALA B 76 -41.22 -9.54 20.03
N PRO B 77 -41.86 -9.36 18.85
CA PRO B 77 -42.88 -10.30 18.40
C PRO B 77 -42.33 -11.74 18.45
N GLY B 78 -42.90 -12.56 19.34
CA GLY B 78 -42.66 -14.01 19.45
C GLY B 78 -41.30 -14.36 20.05
N ARG B 79 -40.66 -13.46 20.81
CA ARG B 79 -39.37 -13.75 21.50
C ARG B 79 -39.19 -12.83 22.71
N VAL B 80 -38.56 -13.36 23.76
CA VAL B 80 -38.19 -12.65 25.02
C VAL B 80 -36.69 -12.88 25.31
N THR B 81 -36.02 -11.89 25.88
CA THR B 81 -34.66 -12.08 26.45
C THR B 81 -34.46 -11.09 27.59
N ARG B 82 -33.60 -11.47 28.53
CA ARG B 82 -33.28 -10.69 29.74
C ARG B 82 -31.83 -10.24 29.64
N TYR B 83 -31.60 -8.94 29.74
CA TYR B 83 -30.26 -8.30 29.69
C TYR B 83 -29.75 -8.17 31.12
N LEU B 84 -28.56 -8.73 31.38
CA LEU B 84 -27.89 -8.79 32.70
C LEU B 84 -26.69 -7.84 32.73
N SER B 85 -26.53 -7.09 33.81
CA SER B 85 -25.52 -6.02 33.96
C SER B 85 -24.68 -6.16 35.23
N SER B 86 -25.11 -6.95 36.23
CA SER B 86 -24.46 -7.02 37.56
C SER B 86 -23.64 -8.31 37.66
N GLN B 87 -22.52 -8.22 38.36
CA GLN B 87 -21.69 -9.40 38.71
C GLN B 87 -22.56 -10.36 39.51
N ARG B 88 -23.43 -9.85 40.38
CA ARG B 88 -24.32 -10.68 41.23
C ARG B 88 -25.05 -11.73 40.38
N LEU B 89 -25.70 -11.32 39.30
CA LEU B 89 -26.52 -12.20 38.46
C LEU B 89 -25.66 -12.89 37.41
N ILE B 90 -24.64 -12.21 36.91
CA ILE B 90 -23.81 -12.75 35.79
C ILE B 90 -22.99 -13.92 36.35
N LYS B 91 -22.57 -13.85 37.62
CA LYS B 91 -21.83 -14.97 38.24
C LYS B 91 -22.70 -16.23 38.25
N GLU B 92 -24.03 -16.11 38.37
CA GLU B 92 -24.96 -17.29 38.32
C GLU B 92 -25.12 -17.74 36.86
N ALA B 93 -25.26 -16.78 35.94
CA ALA B 93 -25.41 -17.05 34.50
C ALA B 93 -24.20 -17.85 33.99
N CYS B 94 -23.05 -17.70 34.61
CA CYS B 94 -21.76 -18.33 34.19
C CYS B 94 -21.61 -19.73 34.80
N ASP B 95 -22.62 -20.19 35.56
CA ASP B 95 -22.68 -21.56 36.12
C ASP B 95 -23.06 -22.51 34.98
N GLU B 96 -22.09 -23.27 34.49
CA GLU B 96 -22.26 -24.15 33.31
C GLU B 96 -23.18 -25.35 33.61
N SER B 97 -23.39 -25.69 34.90
CA SER B 97 -24.38 -26.71 35.30
C SER B 97 -25.80 -26.19 35.05
N ARG B 98 -26.01 -24.86 34.99
CA ARG B 98 -27.37 -24.27 34.91
C ARG B 98 -27.65 -23.62 33.55
N PHE B 99 -26.61 -23.12 32.87
CA PHE B 99 -26.75 -22.27 31.68
C PHE B 99 -25.70 -22.65 30.64
N ASP B 100 -26.08 -22.63 29.38
CA ASP B 100 -25.20 -23.01 28.24
C ASP B 100 -25.23 -21.85 27.26
N LYS B 101 -24.21 -21.75 26.42
CA LYS B 101 -24.16 -20.76 25.33
C LYS B 101 -25.39 -20.87 24.44
N ASN B 102 -26.04 -19.73 24.22
CA ASN B 102 -27.12 -19.54 23.22
C ASN B 102 -26.58 -18.89 21.96
N LEU B 103 -27.14 -19.21 20.79
CA LEU B 103 -26.90 -18.41 19.58
C LEU B 103 -27.96 -17.30 19.59
N SER B 104 -27.52 -16.06 19.82
CA SER B 104 -28.34 -14.85 19.65
C SER B 104 -28.81 -14.79 18.20
N GLN B 105 -29.76 -13.93 17.87
CA GLN B 105 -30.14 -13.78 16.45
C GLN B 105 -28.89 -13.35 15.66
N ALA B 106 -28.02 -12.52 16.25
CA ALA B 106 -26.77 -12.05 15.60
C ALA B 106 -25.92 -13.24 15.18
N LEU B 107 -25.67 -14.17 16.12
CA LEU B 107 -24.85 -15.38 15.83
C LEU B 107 -25.56 -16.27 14.81
N LYS B 108 -26.90 -16.36 14.82
CA LYS B 108 -27.66 -17.17 13.83
C LYS B 108 -27.47 -16.59 12.42
N PHE B 109 -27.47 -15.26 12.25
CA PHE B 109 -27.27 -14.63 10.92
C PHE B 109 -25.81 -14.82 10.46
N VAL B 110 -24.84 -14.72 11.37
CA VAL B 110 -23.41 -14.97 11.06
C VAL B 110 -23.23 -16.46 10.68
N ARG B 111 -23.99 -17.36 11.30
CA ARG B 111 -23.95 -18.82 11.01
C ARG B 111 -24.20 -19.09 9.51
N ASP B 112 -24.91 -18.20 8.82
CA ASP B 112 -25.15 -18.37 7.36
C ASP B 112 -23.82 -18.43 6.59
N PHE B 113 -22.72 -17.90 7.15
CA PHE B 113 -21.40 -18.02 6.50
C PHE B 113 -20.35 -18.62 7.44
N ALA B 114 -20.52 -18.60 8.76
CA ALA B 114 -19.51 -19.20 9.67
C ALA B 114 -19.90 -20.64 10.05
N GLY B 115 -21.11 -21.07 9.64
CA GLY B 115 -21.61 -22.46 9.73
C GLY B 115 -21.48 -23.04 11.13
N ASP B 116 -20.92 -24.25 11.24
CA ASP B 116 -20.72 -24.92 12.55
C ASP B 116 -19.24 -24.84 12.92
N GLY B 117 -18.59 -23.73 12.57
CA GLY B 117 -17.33 -23.29 13.20
C GLY B 117 -17.51 -23.12 14.71
N LEU B 118 -16.42 -23.01 15.44
CA LEU B 118 -16.45 -23.01 16.92
C LEU B 118 -17.37 -21.90 17.45
N PHE B 119 -17.43 -20.74 16.79
CA PHE B 119 -18.09 -19.51 17.34
C PHE B 119 -19.61 -19.62 17.20
N THR B 120 -20.08 -20.28 16.14
CA THR B 120 -21.51 -20.28 15.76
C THR B 120 -22.12 -21.68 15.90
N SER B 121 -21.42 -22.58 16.61
N SER B 121 -21.45 -22.59 16.63
CA SER B 121 -21.90 -23.95 16.97
CA SER B 121 -21.96 -23.95 16.91
C SER B 121 -22.63 -23.92 18.32
C SER B 121 -22.55 -24.01 18.32
N TRP B 122 -23.64 -24.78 18.46
CA TRP B 122 -24.16 -25.17 19.79
C TRP B 122 -23.19 -26.14 20.46
N THR B 123 -23.14 -26.13 21.79
CA THR B 123 -22.23 -26.98 22.58
C THR B 123 -22.56 -28.45 22.29
N HIS B 124 -23.82 -28.75 22.00
CA HIS B 124 -24.32 -30.15 21.83
C HIS B 124 -24.10 -30.64 20.40
N GLU B 125 -23.61 -29.81 19.47
CA GLU B 125 -23.28 -30.25 18.09
C GLU B 125 -21.94 -30.99 18.11
N LYS B 126 -21.90 -32.17 17.48
CA LYS B 126 -20.68 -33.01 17.45
C LYS B 126 -19.46 -32.17 17.04
N ASN B 127 -19.61 -31.32 16.02
CA ASN B 127 -18.49 -30.52 15.46
C ASN B 127 -17.95 -29.50 16.50
N TRP B 128 -18.70 -29.13 17.54
CA TRP B 128 -18.16 -28.17 18.54
C TRP B 128 -17.04 -28.84 19.33
N LYS B 129 -17.32 -29.92 20.07
CA LYS B 129 -16.29 -30.50 21.00
C LYS B 129 -15.15 -31.07 20.15
N LYS B 130 -15.47 -31.55 18.96
CA LYS B 130 -14.48 -32.13 18.03
C LYS B 130 -13.43 -31.07 17.68
N ALA B 131 -13.87 -29.93 17.17
CA ALA B 131 -12.99 -28.80 16.77
C ALA B 131 -12.31 -28.22 18.01
N HIS B 132 -13.04 -28.11 19.12
CA HIS B 132 -12.51 -27.57 20.40
C HIS B 132 -11.32 -28.41 20.82
N ASN B 133 -11.50 -29.73 20.82
CA ASN B 133 -10.43 -30.67 21.29
C ASN B 133 -9.23 -30.61 20.36
N ILE B 134 -9.46 -30.51 19.05
CA ILE B 134 -8.38 -30.51 18.02
C ILE B 134 -7.61 -29.18 18.13
N LEU B 135 -8.32 -28.08 18.28
CA LEU B 135 -7.70 -26.73 18.17
C LEU B 135 -7.16 -26.20 19.50
N LEU B 136 -7.63 -26.66 20.66
CA LEU B 136 -7.21 -26.05 21.94
C LEU B 136 -5.68 -26.02 22.02
N PRO B 137 -4.95 -27.12 21.72
CA PRO B 137 -3.49 -27.11 21.79
C PRO B 137 -2.80 -26.11 20.84
N SER B 138 -3.46 -25.76 19.72
N SER B 138 -3.44 -25.76 19.71
CA SER B 138 -2.91 -24.81 18.71
CA SER B 138 -2.88 -24.81 18.72
C SER B 138 -3.00 -23.37 19.24
C SER B 138 -3.19 -23.37 19.11
N PHE B 139 -3.80 -23.15 20.30
CA PHE B 139 -4.13 -21.80 20.80
C PHE B 139 -3.59 -21.58 22.22
N SER B 140 -2.78 -22.49 22.74
CA SER B 140 -2.29 -22.44 24.12
C SER B 140 -1.23 -21.35 24.25
N GLN B 141 -0.93 -20.98 25.48
CA GLN B 141 0.20 -20.05 25.78
C GLN B 141 1.47 -20.67 25.17
N GLN B 142 1.67 -21.99 25.31
CA GLN B 142 2.83 -22.72 24.75
C GLN B 142 2.89 -22.56 23.23
N ALA B 143 1.75 -22.64 22.54
CA ALA B 143 1.67 -22.51 21.06
C ALA B 143 2.13 -21.12 20.63
N MET B 144 2.04 -20.11 21.49
CA MET B 144 2.41 -18.73 21.11
C MET B 144 3.93 -18.67 20.84
N LYS B 145 4.74 -19.52 21.45
CA LYS B 145 6.19 -19.55 21.14
C LYS B 145 6.40 -19.80 19.63
N GLY B 146 5.63 -20.69 19.02
CA GLY B 146 5.69 -21.02 17.59
C GLY B 146 5.16 -19.91 16.68
N TYR B 147 4.16 -19.12 17.09
CA TYR B 147 3.56 -18.04 16.24
C TYR B 147 4.38 -16.75 16.36
N HIS B 148 5.22 -16.65 17.39
CA HIS B 148 5.90 -15.38 17.75
C HIS B 148 6.63 -14.80 16.53
N ALA B 149 7.41 -15.60 15.79
CA ALA B 149 8.27 -15.08 14.70
C ALA B 149 7.43 -14.39 13.62
N MET B 150 6.31 -15.02 13.25
N MET B 150 6.29 -14.97 13.24
CA MET B 150 5.35 -14.51 12.22
CA MET B 150 5.47 -14.38 12.15
C MET B 150 4.72 -13.21 12.74
C MET B 150 4.62 -13.22 12.70
N MET B 151 4.35 -13.18 14.02
CA MET B 151 3.72 -11.99 14.62
C MET B 151 4.73 -10.83 14.52
N VAL B 152 5.99 -11.09 14.84
CA VAL B 152 7.05 -10.06 14.76
C VAL B 152 7.19 -9.57 13.32
N ASP B 153 7.07 -10.46 12.33
CA ASP B 153 7.19 -10.08 10.89
C ASP B 153 6.17 -8.95 10.61
N ILE B 154 4.94 -9.12 11.05
CA ILE B 154 3.87 -8.13 10.74
C ILE B 154 4.07 -6.88 11.61
N ALA B 155 4.42 -7.05 12.89
CA ALA B 155 4.65 -5.92 13.82
C ALA B 155 5.76 -5.01 13.26
N VAL B 156 6.86 -5.60 12.80
CA VAL B 156 7.98 -4.85 12.17
C VAL B 156 7.48 -4.08 10.95
N GLN B 157 6.58 -4.63 10.13
CA GLN B 157 5.96 -3.90 8.99
C GLN B 157 5.20 -2.66 9.47
N LEU B 158 4.46 -2.76 10.58
N LEU B 158 4.47 -2.76 10.58
CA LEU B 158 3.72 -1.59 11.14
CA LEU B 158 3.72 -1.62 11.18
C LEU B 158 4.72 -0.53 11.61
C LEU B 158 4.72 -0.54 11.62
N VAL B 159 5.77 -0.93 12.34
CA VAL B 159 6.76 0.05 12.88
C VAL B 159 7.47 0.73 11.72
N GLN B 160 7.84 -0.03 10.68
N GLN B 160 7.85 -0.02 10.68
CA GLN B 160 8.51 0.54 9.48
CA GLN B 160 8.53 0.56 9.49
C GLN B 160 7.57 1.52 8.78
C GLN B 160 7.57 1.52 8.78
N LYS B 161 6.28 1.19 8.66
CA LYS B 161 5.32 2.12 8.02
C LYS B 161 5.34 3.47 8.78
N TRP B 162 5.24 3.46 10.11
CA TRP B 162 5.22 4.72 10.90
C TRP B 162 6.59 5.41 10.89
N GLU B 163 7.70 4.66 10.86
CA GLU B 163 9.06 5.28 10.77
C GLU B 163 9.16 6.09 9.46
N ARG B 164 8.42 5.69 8.43
CA ARG B 164 8.57 6.24 7.06
C ARG B 164 7.55 7.35 6.78
N LEU B 165 6.69 7.72 7.73
CA LEU B 165 5.76 8.85 7.48
C LEU B 165 6.55 10.15 7.51
N ASN B 166 6.10 11.14 6.73
CA ASN B 166 6.69 12.51 6.71
C ASN B 166 6.18 13.29 7.93
N ALA B 167 6.95 14.28 8.36
CA ALA B 167 6.66 15.11 9.57
C ALA B 167 5.20 15.60 9.55
N ASP B 168 4.69 15.96 8.38
CA ASP B 168 3.35 16.57 8.19
C ASP B 168 2.22 15.56 8.50
N GLU B 169 2.49 14.26 8.48
CA GLU B 169 1.46 13.22 8.25
C GLU B 169 0.95 12.69 9.59
N HIS B 170 -0.21 12.02 9.55
CA HIS B 170 -0.79 11.37 10.74
C HIS B 170 -1.10 9.91 10.43
N ILE B 171 -1.50 9.20 11.48
CA ILE B 171 -1.82 7.75 11.45
C ILE B 171 -3.33 7.63 11.58
N GLU B 172 -3.95 6.81 10.74
CA GLU B 172 -5.36 6.38 10.90
C GLU B 172 -5.29 5.10 11.73
N VAL B 173 -5.54 5.20 13.03
CA VAL B 173 -5.21 4.11 14.00
C VAL B 173 -6.00 2.84 13.70
N PRO B 174 -7.35 2.82 13.70
CA PRO B 174 -8.08 1.57 13.49
C PRO B 174 -7.71 0.92 12.17
N GLU B 175 -7.50 1.72 11.13
CA GLU B 175 -7.15 1.24 9.76
C GLU B 175 -5.81 0.49 9.85
N ASP B 176 -4.81 1.07 10.48
CA ASP B 176 -3.47 0.45 10.60
C ASP B 176 -3.51 -0.75 11.56
N MET B 177 -4.29 -0.69 12.65
CA MET B 177 -4.38 -1.82 13.60
C MET B 177 -5.06 -3.02 12.91
N THR B 178 -6.05 -2.79 12.05
CA THR B 178 -6.75 -3.84 11.29
C THR B 178 -5.80 -4.44 10.26
N ARG B 179 -4.97 -3.61 9.61
CA ARG B 179 -3.94 -4.11 8.69
C ARG B 179 -3.07 -5.09 9.47
N LEU B 180 -2.69 -4.73 10.68
CA LEU B 180 -1.79 -5.59 11.49
C LEU B 180 -2.50 -6.90 11.86
N THR B 181 -3.68 -6.84 12.48
CA THR B 181 -4.32 -8.06 13.05
C THR B 181 -4.72 -9.01 11.91
N LEU B 182 -5.26 -8.50 10.82
CA LEU B 182 -5.66 -9.37 9.68
C LEU B 182 -4.43 -10.08 9.10
N ASP B 183 -3.36 -9.34 8.87
CA ASP B 183 -2.12 -9.94 8.33
C ASP B 183 -1.65 -11.03 9.29
N THR B 184 -1.73 -10.80 10.60
CA THR B 184 -1.15 -11.72 11.59
C THR B 184 -1.93 -13.04 11.56
N ILE B 185 -3.27 -12.98 11.50
CA ILE B 185 -4.08 -14.22 11.48
C ILE B 185 -3.94 -14.90 10.12
N GLY B 186 -3.78 -14.14 9.04
CA GLY B 186 -3.52 -14.76 7.73
C GLY B 186 -2.25 -15.59 7.77
N LEU B 187 -1.19 -15.03 8.33
CA LEU B 187 0.17 -15.65 8.29
C LEU B 187 0.23 -16.80 9.29
N CYS B 188 -0.19 -16.58 10.54
CA CYS B 188 -0.20 -17.65 11.57
C CYS B 188 -1.31 -18.68 11.28
N GLY B 189 -2.42 -18.29 10.66
CA GLY B 189 -3.59 -19.15 10.38
C GLY B 189 -3.38 -20.10 9.21
N PHE B 190 -2.99 -19.60 8.03
CA PHE B 190 -2.81 -20.49 6.85
C PHE B 190 -1.64 -20.04 5.97
N ASN B 191 -0.62 -19.42 6.55
CA ASN B 191 0.65 -19.03 5.85
C ASN B 191 0.28 -18.22 4.60
N TYR B 192 -0.74 -17.38 4.72
CA TYR B 192 -1.23 -16.51 3.63
C TYR B 192 -0.87 -15.05 3.95
N ARG B 193 -0.26 -14.34 2.99
CA ARG B 193 0.06 -12.90 3.16
C ARG B 193 -1.04 -12.06 2.53
N PHE B 194 -1.84 -11.40 3.35
CA PHE B 194 -2.81 -10.40 2.85
C PHE B 194 -2.05 -9.16 2.34
N ASN B 195 -0.81 -8.95 2.81
CA ASN B 195 0.00 -7.77 2.38
C ASN B 195 -0.81 -6.48 2.57
N SER B 196 -1.49 -6.37 3.71
CA SER B 196 -2.38 -5.23 4.02
C SER B 196 -1.61 -3.89 4.06
N PHE B 197 -0.34 -3.90 4.43
CA PHE B 197 0.50 -2.67 4.47
C PHE B 197 0.85 -2.18 3.06
N TYR B 198 0.57 -2.96 2.01
CA TYR B 198 0.93 -2.64 0.60
C TYR B 198 -0.29 -2.14 -0.15
N ARG B 199 -1.42 -1.98 0.53
CA ARG B 199 -2.73 -1.79 -0.12
C ARG B 199 -3.55 -0.73 0.62
N ASP B 200 -4.48 -0.12 -0.09
CA ASP B 200 -5.61 0.73 0.40
C ASP B 200 -6.93 -0.01 0.18
N GLN B 201 -7.07 -0.76 -0.92
CA GLN B 201 -8.28 -1.55 -1.24
C GLN B 201 -8.19 -2.90 -0.53
N PRO B 202 -9.28 -3.37 0.11
CA PRO B 202 -9.27 -4.68 0.76
C PRO B 202 -9.15 -5.85 -0.23
N HIS B 203 -8.64 -6.98 0.28
CA HIS B 203 -8.66 -8.29 -0.39
C HIS B 203 -10.10 -8.62 -0.77
N PRO B 204 -10.36 -9.24 -1.95
CA PRO B 204 -11.70 -9.70 -2.30
C PRO B 204 -12.42 -10.50 -1.21
N PHE B 205 -11.72 -11.41 -0.53
CA PHE B 205 -12.31 -12.18 0.59
C PHE B 205 -12.86 -11.19 1.62
N ILE B 206 -12.11 -10.14 1.92
CA ILE B 206 -12.42 -9.20 3.02
C ILE B 206 -13.56 -8.26 2.58
N THR B 207 -13.63 -7.91 1.30
CA THR B 207 -14.77 -7.14 0.75
C THR B 207 -16.07 -7.88 1.06
N SER B 208 -16.15 -9.16 0.69
CA SER B 208 -17.34 -10.02 0.90
C SER B 208 -17.60 -10.28 2.38
N MET B 209 -16.55 -10.55 3.17
CA MET B 209 -16.73 -10.84 4.62
C MET B 209 -17.31 -9.62 5.32
N VAL B 210 -16.78 -8.44 5.03
CA VAL B 210 -17.23 -7.19 5.71
C VAL B 210 -18.67 -6.89 5.26
N ARG B 211 -18.98 -7.11 4.00
CA ARG B 211 -20.35 -6.84 3.48
C ARG B 211 -21.36 -7.87 4.01
N ALA B 212 -20.98 -9.14 4.16
CA ALA B 212 -21.81 -10.21 4.78
C ALA B 212 -22.06 -9.86 6.25
N LEU B 213 -21.01 -9.49 6.98
CA LEU B 213 -21.14 -9.10 8.42
C LEU B 213 -22.09 -7.89 8.54
N ASP B 214 -21.95 -6.87 7.69
CA ASP B 214 -22.84 -5.68 7.72
C ASP B 214 -24.28 -6.13 7.44
N GLU B 215 -24.48 -7.02 6.46
CA GLU B 215 -25.84 -7.53 6.14
C GLU B 215 -26.40 -8.26 7.37
N ALA B 216 -25.61 -9.12 8.03
CA ALA B 216 -26.05 -9.89 9.23
C ALA B 216 -26.49 -8.92 10.32
N MET B 217 -25.70 -7.87 10.58
CA MET B 217 -26.01 -6.93 11.68
C MET B 217 -27.22 -6.07 11.24
N ASN B 218 -27.33 -5.73 9.97
CA ASN B 218 -28.43 -4.86 9.47
C ASN B 218 -29.77 -5.58 9.63
N LYS B 219 -29.80 -6.91 9.42
CA LYS B 219 -31.02 -7.74 9.51
C LYS B 219 -31.56 -7.76 10.95
N LEU B 220 -30.73 -7.47 11.96
CA LEU B 220 -31.19 -7.47 13.37
C LEU B 220 -32.29 -6.42 13.58
N GLN B 221 -32.28 -5.35 12.79
CA GLN B 221 -33.15 -4.17 13.00
C GLN B 221 -33.93 -3.88 11.72
N ARG B 222 -34.36 -4.94 11.03
CA ARG B 222 -35.18 -4.86 9.79
C ARG B 222 -36.63 -5.23 10.11
N ALA B 223 -37.54 -4.24 10.10
CA ALA B 223 -38.96 -4.37 10.51
C ALA B 223 -39.67 -5.46 9.68
N ASN B 224 -39.60 -5.42 8.35
CA ASN B 224 -40.14 -6.50 7.48
C ASN B 224 -39.08 -6.93 6.47
N PRO B 225 -38.28 -7.97 6.80
CA PRO B 225 -37.22 -8.48 5.93
C PRO B 225 -37.68 -9.05 4.58
N ASP B 226 -38.98 -9.31 4.43
CA ASP B 226 -39.54 -9.96 3.21
C ASP B 226 -39.99 -8.88 2.22
N ASP B 227 -40.12 -7.62 2.65
CA ASP B 227 -40.31 -6.45 1.74
C ASP B 227 -39.36 -6.61 0.55
N PRO B 228 -39.85 -6.56 -0.71
CA PRO B 228 -38.99 -6.73 -1.89
C PRO B 228 -37.95 -5.63 -2.12
N ALA B 229 -37.99 -4.55 -1.33
CA ALA B 229 -36.91 -3.54 -1.19
C ALA B 229 -35.57 -4.27 -1.00
N TYR B 230 -35.56 -5.30 -0.14
CA TYR B 230 -34.36 -6.01 0.36
C TYR B 230 -33.97 -7.21 -0.52
N ASP B 231 -34.62 -7.38 -1.68
CA ASP B 231 -34.29 -8.50 -2.62
C ASP B 231 -32.83 -8.39 -3.05
N GLU B 232 -32.32 -7.16 -3.21
CA GLU B 232 -30.93 -6.90 -3.69
C GLU B 232 -29.94 -7.20 -2.56
N ASN B 233 -30.23 -6.74 -1.33
CA ASN B 233 -29.49 -7.10 -0.09
C ASN B 233 -29.33 -8.62 -0.05
N LYS B 234 -30.43 -9.36 -0.27
CA LYS B 234 -30.49 -10.85 -0.21
C LYS B 234 -29.58 -11.47 -1.28
N ARG B 235 -29.59 -10.95 -2.51
CA ARG B 235 -28.81 -11.49 -3.65
C ARG B 235 -27.31 -11.26 -3.41
N GLN B 236 -26.94 -10.06 -2.97
CA GLN B 236 -25.52 -9.70 -2.66
C GLN B 236 -24.99 -10.62 -1.54
N PHE B 237 -25.82 -10.96 -0.55
CA PHE B 237 -25.45 -11.79 0.64
C PHE B 237 -25.10 -13.19 0.16
N GLN B 238 -25.98 -13.79 -0.66
CA GLN B 238 -25.72 -15.12 -1.27
C GLN B 238 -24.42 -15.03 -2.09
N GLU B 239 -24.22 -13.96 -2.86
CA GLU B 239 -22.99 -13.78 -3.67
C GLU B 239 -21.75 -13.73 -2.75
N ASP B 240 -21.83 -13.07 -1.59
CA ASP B 240 -20.67 -12.89 -0.68
C ASP B 240 -20.36 -14.23 0.02
N ILE B 241 -21.39 -14.96 0.45
CA ILE B 241 -21.27 -16.34 0.99
C ILE B 241 -20.52 -17.21 -0.04
N LYS B 242 -20.94 -17.20 -1.31
CA LYS B 242 -20.25 -18.01 -2.36
C LYS B 242 -18.79 -17.56 -2.48
N VAL B 243 -18.50 -16.26 -2.44
CA VAL B 243 -17.12 -15.76 -2.62
C VAL B 243 -16.24 -16.31 -1.48
N MET B 244 -16.72 -16.23 -0.25
CA MET B 244 -15.95 -16.68 0.94
C MET B 244 -15.74 -18.20 0.82
N ASN B 245 -16.78 -18.96 0.48
CA ASN B 245 -16.71 -20.44 0.34
C ASN B 245 -15.67 -20.79 -0.73
N ASP B 246 -15.82 -20.21 -1.92
CA ASP B 246 -14.97 -20.55 -3.09
C ASP B 246 -13.51 -20.24 -2.76
N LEU B 247 -13.21 -19.08 -2.17
CA LEU B 247 -11.81 -18.66 -1.91
C LEU B 247 -11.15 -19.51 -0.79
N VAL B 248 -11.86 -19.79 0.30
CA VAL B 248 -11.33 -20.61 1.42
C VAL B 248 -11.22 -22.07 0.97
N ASP B 249 -12.20 -22.56 0.22
CA ASP B 249 -12.22 -23.95 -0.30
C ASP B 249 -10.96 -24.16 -1.14
N LYS B 250 -10.58 -23.12 -1.92
CA LYS B 250 -9.39 -23.19 -2.80
C LYS B 250 -8.12 -23.16 -1.94
N ILE B 251 -8.07 -22.38 -0.85
CA ILE B 251 -6.90 -22.38 0.09
C ILE B 251 -6.70 -23.80 0.65
N ILE B 252 -7.77 -24.46 1.08
CA ILE B 252 -7.67 -25.81 1.69
C ILE B 252 -7.20 -26.82 0.62
N ALA B 253 -7.84 -26.83 -0.54
CA ALA B 253 -7.53 -27.71 -1.69
C ALA B 253 -6.06 -27.51 -2.10
N ASP B 254 -5.60 -26.26 -2.20
CA ASP B 254 -4.20 -25.94 -2.58
C ASP B 254 -3.25 -26.54 -1.55
N ARG B 255 -3.56 -26.45 -0.25
CA ARG B 255 -2.64 -26.98 0.80
C ARG B 255 -2.58 -28.50 0.74
N LYS B 256 -3.73 -29.14 0.59
CA LYS B 256 -3.84 -30.62 0.43
C LYS B 256 -2.99 -31.07 -0.76
N ALA B 257 -3.12 -30.38 -1.89
CA ALA B 257 -2.50 -30.71 -3.19
C ALA B 257 -1.00 -30.39 -3.18
N SER B 258 -0.50 -29.54 -2.27
CA SER B 258 0.93 -29.19 -2.17
C SER B 258 1.66 -30.16 -1.25
N GLY B 259 0.96 -30.68 -0.24
CA GLY B 259 1.56 -31.50 0.84
C GLY B 259 2.45 -30.70 1.77
N GLU B 260 2.45 -29.37 1.65
CA GLU B 260 3.27 -28.41 2.44
C GLU B 260 2.87 -28.55 3.92
N GLN B 261 3.84 -28.87 4.79
CA GLN B 261 3.61 -29.07 6.24
C GLN B 261 4.01 -27.79 6.98
N SER B 262 3.64 -26.65 6.42
CA SER B 262 3.67 -25.33 7.13
C SER B 262 3.05 -25.52 8.51
N ASP B 263 3.76 -25.08 9.55
CA ASP B 263 3.32 -25.14 10.97
C ASP B 263 2.29 -24.03 11.22
N ASP B 264 1.03 -24.26 10.81
CA ASP B 264 -0.05 -23.26 10.97
C ASP B 264 -1.33 -23.99 11.36
N LEU B 265 -2.40 -23.25 11.66
CA LEU B 265 -3.71 -23.84 12.06
C LEU B 265 -4.22 -24.75 10.95
N LEU B 266 -4.07 -24.37 9.68
CA LEU B 266 -4.65 -25.16 8.58
C LEU B 266 -3.99 -26.54 8.54
N THR B 267 -2.67 -26.61 8.69
CA THR B 267 -1.92 -27.90 8.76
C THR B 267 -2.44 -28.73 9.93
N HIS B 268 -2.59 -28.11 11.11
N HIS B 268 -2.61 -28.15 11.12
CA HIS B 268 -3.10 -28.71 12.38
CA HIS B 268 -3.07 -28.93 12.30
C HIS B 268 -4.47 -29.35 12.11
C HIS B 268 -4.51 -29.39 12.11
N MET B 269 -5.35 -28.62 11.43
CA MET B 269 -6.73 -29.06 11.13
C MET B 269 -6.74 -30.18 10.08
N LEU B 270 -5.83 -30.16 9.09
CA LEU B 270 -5.78 -31.22 8.04
C LEU B 270 -5.23 -32.53 8.62
N ASN B 271 -4.37 -32.47 9.62
CA ASN B 271 -3.67 -33.65 10.19
C ASN B 271 -4.27 -34.07 11.54
N GLY B 272 -4.89 -33.15 12.27
CA GLY B 272 -5.29 -33.39 13.67
C GLY B 272 -6.45 -34.37 13.76
N LYS B 273 -6.48 -35.16 14.82
CA LYS B 273 -7.62 -36.04 15.15
C LYS B 273 -8.11 -35.64 16.54
N ASP B 274 -9.43 -35.56 16.71
CA ASP B 274 -10.08 -35.39 18.04
C ASP B 274 -9.77 -36.63 18.88
N PRO B 275 -9.13 -36.50 20.06
CA PRO B 275 -8.81 -37.68 20.88
C PRO B 275 -10.08 -38.42 21.35
N GLU B 276 -11.18 -37.69 21.50
CA GLU B 276 -12.46 -38.19 22.03
C GLU B 276 -13.20 -39.04 20.97
N THR B 277 -13.45 -38.50 19.77
CA THR B 277 -14.19 -39.22 18.68
C THR B 277 -13.22 -40.02 17.82
N GLY B 278 -11.94 -39.65 17.82
CA GLY B 278 -10.92 -40.21 16.92
C GLY B 278 -11.10 -39.73 15.49
N GLU B 279 -11.99 -38.76 15.27
CA GLU B 279 -12.28 -38.20 13.91
C GLU B 279 -11.50 -36.90 13.66
N PRO B 280 -11.08 -36.66 12.41
CA PRO B 280 -10.53 -35.36 12.03
C PRO B 280 -11.69 -34.46 11.58
N LEU B 281 -11.44 -33.17 11.45
CA LEU B 281 -12.43 -32.22 10.87
C LEU B 281 -12.53 -32.52 9.38
N ASP B 282 -13.73 -32.49 8.82
CA ASP B 282 -13.88 -32.58 7.34
C ASP B 282 -13.56 -31.20 6.73
N ASP B 283 -13.36 -31.14 5.42
CA ASP B 283 -12.91 -29.92 4.71
C ASP B 283 -13.95 -28.81 4.84
N GLU B 284 -15.24 -29.13 4.88
CA GLU B 284 -16.33 -28.13 5.01
C GLU B 284 -16.19 -27.46 6.38
N ASN B 285 -15.93 -28.24 7.42
CA ASN B 285 -15.82 -27.66 8.78
C ASN B 285 -14.54 -26.84 8.87
N ILE B 286 -13.44 -27.30 8.28
CA ILE B 286 -12.16 -26.53 8.24
C ILE B 286 -12.43 -25.16 7.58
N ARG B 287 -13.16 -25.11 6.46
CA ARG B 287 -13.55 -23.83 5.82
C ARG B 287 -14.26 -22.91 6.82
N TYR B 288 -15.20 -23.45 7.60
CA TYR B 288 -15.92 -22.65 8.62
C TYR B 288 -14.98 -22.13 9.69
N GLN B 289 -13.99 -22.92 10.12
CA GLN B 289 -13.05 -22.49 11.17
C GLN B 289 -12.23 -21.35 10.59
N ILE B 290 -11.78 -21.47 9.33
CA ILE B 290 -10.91 -20.42 8.73
C ILE B 290 -11.70 -19.12 8.62
N ILE B 291 -12.94 -19.18 8.12
CA ILE B 291 -13.80 -17.99 8.01
C ILE B 291 -13.92 -17.37 9.41
N THR B 292 -14.22 -18.19 10.42
CA THR B 292 -14.37 -17.75 11.82
C THR B 292 -13.10 -17.03 12.30
N PHE B 293 -11.92 -17.59 12.08
CA PHE B 293 -10.66 -16.97 12.56
C PHE B 293 -10.41 -15.64 11.84
N LEU B 294 -10.76 -15.54 10.56
CA LEU B 294 -10.55 -14.30 9.78
C LEU B 294 -11.51 -13.22 10.28
N ILE B 295 -12.75 -13.58 10.61
CA ILE B 295 -13.70 -12.62 11.25
C ILE B 295 -13.07 -12.11 12.57
N ALA B 296 -12.64 -13.04 13.43
CA ALA B 296 -12.16 -12.74 14.80
C ALA B 296 -10.91 -11.86 14.73
N GLY B 297 -10.02 -12.18 13.80
CA GLY B 297 -8.70 -11.52 13.68
C GLY B 297 -8.76 -10.17 12.99
N HIS B 298 -9.89 -9.80 12.39
CA HIS B 298 -10.11 -8.49 11.73
C HIS B 298 -10.39 -7.43 12.82
N GLU B 299 -11.46 -6.65 12.69
CA GLU B 299 -11.69 -5.46 13.56
C GLU B 299 -11.99 -5.85 15.03
N THR B 300 -12.32 -7.12 15.34
CA THR B 300 -12.55 -7.57 16.74
C THR B 300 -11.25 -7.45 17.57
N THR B 301 -10.12 -7.88 17.05
CA THR B 301 -8.82 -7.82 17.76
C THR B 301 -8.16 -6.41 17.58
N SER B 302 -8.26 -5.82 16.39
CA SER B 302 -7.70 -4.46 16.15
C SER B 302 -8.42 -3.42 17.00
N GLY B 303 -9.68 -3.64 17.36
CA GLY B 303 -10.41 -2.71 18.24
C GLY B 303 -9.71 -2.59 19.60
N LEU B 304 -9.19 -3.69 20.14
CA LEU B 304 -8.48 -3.63 21.43
C LEU B 304 -7.29 -2.68 21.32
N LEU B 305 -6.50 -2.83 20.27
CA LEU B 305 -5.30 -1.99 20.06
C LEU B 305 -5.72 -0.53 19.87
N SER B 306 -6.79 -0.27 19.10
CA SER B 306 -7.27 1.09 18.84
C SER B 306 -7.71 1.74 20.15
N PHE B 307 -8.50 1.04 20.96
CA PHE B 307 -8.97 1.58 22.26
C PHE B 307 -7.78 1.77 23.20
N ALA B 308 -6.87 0.81 23.26
CA ALA B 308 -5.69 0.94 24.12
C ALA B 308 -4.93 2.23 23.74
N LEU B 309 -4.66 2.46 22.46
CA LEU B 309 -3.89 3.67 22.07
C LEU B 309 -4.71 4.93 22.39
N TYR B 310 -6.03 4.89 22.17
CA TYR B 310 -6.93 6.01 22.54
C TYR B 310 -6.76 6.34 24.04
N PHE B 311 -6.90 5.35 24.91
CA PHE B 311 -6.78 5.59 26.37
C PHE B 311 -5.36 6.09 26.71
N LEU B 312 -4.32 5.58 26.05
CA LEU B 312 -2.94 5.99 26.36
C LEU B 312 -2.74 7.48 26.01
N VAL B 313 -3.22 7.96 24.86
CA VAL B 313 -2.98 9.40 24.51
C VAL B 313 -3.91 10.30 25.33
N LYS B 314 -5.02 9.78 25.86
CA LYS B 314 -5.91 10.55 26.77
C LYS B 314 -5.40 10.52 28.23
N ASN B 315 -4.43 9.66 28.53
CA ASN B 315 -3.95 9.47 29.91
C ASN B 315 -2.42 9.43 29.89
N PRO B 316 -1.76 10.58 29.67
CA PRO B 316 -0.31 10.59 29.46
C PRO B 316 0.52 10.01 30.60
N HIS B 317 0.05 10.03 31.85
CA HIS B 317 0.81 9.37 32.96
C HIS B 317 0.82 7.85 32.74
N VAL B 318 -0.28 7.31 32.22
CA VAL B 318 -0.37 5.85 31.92
C VAL B 318 0.54 5.55 30.73
N LEU B 319 0.53 6.39 29.70
CA LEU B 319 1.42 6.24 28.53
C LEU B 319 2.88 6.24 29.02
N GLN B 320 3.26 7.16 29.91
CA GLN B 320 4.65 7.25 30.44
C GLN B 320 5.01 5.90 31.08
N LYS B 321 4.14 5.36 31.91
CA LYS B 321 4.42 4.11 32.65
C LYS B 321 4.62 2.98 31.64
N ALA B 322 3.76 2.91 30.63
CA ALA B 322 3.79 1.83 29.61
C ALA B 322 5.03 1.99 28.73
N ALA B 323 5.36 3.24 28.35
CA ALA B 323 6.55 3.54 27.53
C ALA B 323 7.85 3.22 28.29
N GLU B 324 7.91 3.50 29.59
N GLU B 324 7.92 3.55 29.59
CA GLU B 324 9.14 3.23 30.41
CA GLU B 324 9.12 3.24 30.43
C GLU B 324 9.32 1.71 30.58
C GLU B 324 9.31 1.71 30.46
N GLU B 325 8.23 0.94 30.69
CA GLU B 325 8.30 -0.53 30.75
C GLU B 325 8.79 -1.05 29.40
N ALA B 326 8.23 -0.58 28.29
CA ALA B 326 8.63 -1.02 26.94
C ALA B 326 10.13 -0.75 26.77
N ALA B 327 10.60 0.43 27.20
CA ALA B 327 12.02 0.83 27.04
C ALA B 327 12.91 -0.08 27.90
N ARG B 328 12.47 -0.40 29.13
CA ARG B 328 13.27 -1.19 30.10
C ARG B 328 13.31 -2.67 29.67
N VAL B 329 12.21 -3.19 29.12
CA VAL B 329 12.05 -4.65 28.82
C VAL B 329 12.51 -5.00 27.40
N LEU B 330 12.12 -4.23 26.39
CA LEU B 330 12.40 -4.57 24.96
C LEU B 330 13.80 -4.06 24.59
N VAL B 331 14.84 -4.75 25.09
CA VAL B 331 16.26 -4.29 25.02
C VAL B 331 16.88 -4.68 23.68
N ASP B 332 16.25 -5.56 22.90
CA ASP B 332 16.78 -6.07 21.61
C ASP B 332 15.99 -5.49 20.45
N PRO B 333 16.58 -5.35 19.24
CA PRO B 333 15.86 -4.80 18.09
C PRO B 333 14.59 -5.58 17.75
N VAL B 334 14.63 -6.90 17.94
CA VAL B 334 13.50 -7.85 17.66
C VAL B 334 13.03 -8.36 19.02
N PRO B 335 11.79 -8.06 19.47
CA PRO B 335 11.31 -8.59 20.74
C PRO B 335 11.28 -10.13 20.72
N SER B 336 11.67 -10.76 21.83
CA SER B 336 11.57 -12.23 22.05
C SER B 336 10.22 -12.56 22.68
N TYR B 337 9.80 -13.82 22.62
CA TYR B 337 8.61 -14.33 23.34
C TYR B 337 8.72 -13.99 24.83
N LYS B 338 9.87 -14.28 25.44
CA LYS B 338 10.07 -14.08 26.91
C LYS B 338 9.93 -12.60 27.27
N GLN B 339 10.41 -11.71 26.41
CA GLN B 339 10.34 -10.24 26.65
C GLN B 339 8.88 -9.79 26.58
N VAL B 340 8.08 -10.35 25.67
CA VAL B 340 6.65 -9.99 25.56
C VAL B 340 5.93 -10.42 26.85
N LYS B 341 6.24 -11.60 27.39
CA LYS B 341 5.64 -12.10 28.66
C LYS B 341 6.00 -11.16 29.81
N GLN B 342 7.13 -10.47 29.72
CA GLN B 342 7.65 -9.59 30.80
C GLN B 342 6.94 -8.22 30.81
N LEU B 343 6.19 -7.86 29.76
CA LEU B 343 5.48 -6.55 29.69
C LEU B 343 4.20 -6.56 30.53
N LYS B 344 4.35 -6.64 31.84
CA LYS B 344 3.22 -6.75 32.79
C LYS B 344 2.31 -5.53 32.65
N TYR B 345 2.87 -4.32 32.66
CA TYR B 345 2.07 -3.07 32.67
C TYR B 345 1.35 -2.91 31.33
N VAL B 346 2.00 -3.27 30.23
CA VAL B 346 1.34 -3.23 28.89
C VAL B 346 0.15 -4.20 28.95
N GLY B 347 0.32 -5.37 29.57
CA GLY B 347 -0.80 -6.32 29.80
C GLY B 347 -1.94 -5.69 30.57
N MET B 348 -1.61 -4.93 31.62
CA MET B 348 -2.63 -4.24 32.47
C MET B 348 -3.37 -3.18 31.65
N VAL B 349 -2.67 -2.45 30.78
CA VAL B 349 -3.31 -1.47 29.84
C VAL B 349 -4.34 -2.17 28.98
N LEU B 350 -3.96 -3.30 28.36
CA LEU B 350 -4.86 -4.04 27.44
C LEU B 350 -6.06 -4.54 28.22
N ASN B 351 -5.88 -5.01 29.46
CA ASN B 351 -7.05 -5.44 30.27
C ASN B 351 -7.97 -4.26 30.60
N GLU B 352 -7.43 -3.07 30.90
CA GLU B 352 -8.24 -1.91 31.30
C GLU B 352 -8.97 -1.37 30.07
N ALA B 353 -8.42 -1.54 28.85
CA ALA B 353 -9.14 -1.22 27.59
C ALA B 353 -10.26 -2.23 27.37
N LEU B 354 -10.02 -3.51 27.63
CA LEU B 354 -11.08 -4.55 27.55
C LEU B 354 -12.12 -4.34 28.65
N ARG B 355 -11.75 -3.75 29.78
CA ARG B 355 -12.77 -3.48 30.83
C ARG B 355 -13.76 -2.47 30.25
N LEU B 356 -13.27 -1.34 29.73
CA LEU B 356 -14.19 -0.23 29.35
C LEU B 356 -14.87 -0.51 28.02
N TRP B 357 -14.17 -1.06 27.03
CA TRP B 357 -14.78 -1.26 25.68
C TRP B 357 -14.43 -2.66 25.18
N PRO B 358 -15.00 -3.73 25.78
CA PRO B 358 -14.79 -5.09 25.28
C PRO B 358 -15.32 -5.19 23.85
N THR B 359 -14.47 -5.60 22.91
CA THR B 359 -14.77 -5.47 21.47
C THR B 359 -15.74 -6.54 20.98
N ALA B 360 -16.03 -7.57 21.77
CA ALA B 360 -17.14 -8.50 21.49
C ALA B 360 -18.11 -8.35 22.65
N PRO B 361 -18.96 -7.28 22.66
CA PRO B 361 -19.47 -6.72 23.91
C PRO B 361 -20.64 -7.47 24.58
N ALA B 362 -21.10 -8.58 24.01
CA ALA B 362 -22.21 -9.36 24.59
C ALA B 362 -22.06 -10.85 24.28
N PHE B 363 -22.60 -11.68 25.15
CA PHE B 363 -22.82 -13.10 24.82
C PHE B 363 -24.12 -13.55 25.47
N SER B 364 -24.66 -14.63 24.92
CA SER B 364 -26.03 -15.10 25.19
C SER B 364 -25.98 -16.49 25.81
N LEU B 365 -26.89 -16.76 26.74
CA LEU B 365 -27.01 -18.05 27.44
C LEU B 365 -28.48 -18.48 27.44
N TYR B 366 -28.72 -19.79 27.55
CA TYR B 366 -30.08 -20.32 27.80
C TYR B 366 -30.05 -21.18 29.06
N ALA B 367 -31.20 -21.19 29.75
CA ALA B 367 -31.47 -22.02 30.93
C ALA B 367 -31.65 -23.48 30.48
N LYS B 368 -30.78 -24.36 30.97
CA LYS B 368 -30.79 -25.81 30.68
C LYS B 368 -32.04 -26.44 31.27
N GLU B 369 -32.47 -25.94 32.43
CA GLU B 369 -33.67 -26.41 33.17
C GLU B 369 -34.33 -25.19 33.81
N ASP B 370 -35.62 -25.28 34.14
CA ASP B 370 -36.31 -24.30 35.02
C ASP B 370 -35.37 -23.97 36.17
N THR B 371 -35.23 -22.71 36.55
CA THR B 371 -34.27 -22.30 37.62
C THR B 371 -34.60 -20.87 38.08
N VAL B 372 -34.14 -20.52 39.27
CA VAL B 372 -34.34 -19.17 39.87
C VAL B 372 -33.01 -18.44 39.82
N LEU B 373 -32.99 -17.27 39.16
CA LEU B 373 -31.78 -16.41 39.06
C LEU B 373 -31.79 -15.40 40.22
N GLY B 374 -30.73 -15.39 41.03
CA GLY B 374 -30.52 -14.41 42.10
C GLY B 374 -31.58 -14.49 43.21
N GLY B 375 -32.22 -15.66 43.37
CA GLY B 375 -33.29 -15.87 44.37
C GLY B 375 -34.56 -15.09 44.07
N GLU B 376 -34.64 -14.32 42.98
CA GLU B 376 -35.79 -13.40 42.74
C GLU B 376 -36.44 -13.60 41.38
N TYR B 377 -35.71 -14.08 40.35
CA TYR B 377 -36.22 -14.11 38.95
C TYR B 377 -36.37 -15.55 38.49
N PRO B 378 -37.60 -16.11 38.49
CA PRO B 378 -37.83 -17.47 38.00
C PRO B 378 -37.65 -17.58 36.48
N LEU B 379 -36.87 -18.56 36.03
CA LEU B 379 -36.66 -18.85 34.58
C LEU B 379 -37.17 -20.25 34.23
N GLU B 380 -37.81 -20.37 33.07
CA GLU B 380 -38.21 -21.66 32.45
C GLU B 380 -37.03 -22.19 31.61
N LYS B 381 -36.91 -23.51 31.52
CA LYS B 381 -36.00 -24.19 30.57
C LYS B 381 -36.04 -23.48 29.20
N GLY B 382 -34.88 -23.14 28.63
CA GLY B 382 -34.79 -22.51 27.29
C GLY B 382 -34.85 -20.98 27.34
N ASP B 383 -35.18 -20.36 28.47
CA ASP B 383 -35.19 -18.88 28.62
C ASP B 383 -33.80 -18.33 28.30
N GLU B 384 -33.74 -17.26 27.52
N GLU B 384 -33.72 -17.22 27.56
CA GLU B 384 -32.47 -16.60 27.09
CA GLU B 384 -32.45 -16.64 27.04
C GLU B 384 -32.06 -15.53 28.09
C GLU B 384 -32.01 -15.42 27.87
N LEU B 385 -30.73 -15.39 28.29
CA LEU B 385 -30.09 -14.28 29.00
C LEU B 385 -29.08 -13.64 28.04
N MET B 386 -28.90 -12.33 28.13
CA MET B 386 -27.83 -11.62 27.39
C MET B 386 -26.96 -10.92 28.43
N VAL B 387 -25.65 -11.20 28.39
CA VAL B 387 -24.66 -10.55 29.29
C VAL B 387 -24.16 -9.31 28.57
N LEU B 388 -24.42 -8.13 29.12
CA LEU B 388 -23.92 -6.85 28.56
C LEU B 388 -22.56 -6.58 29.20
N ILE B 389 -21.48 -7.02 28.57
CA ILE B 389 -20.13 -7.05 29.19
C ILE B 389 -19.72 -5.62 29.57
N PRO B 390 -19.95 -4.56 28.76
CA PRO B 390 -19.50 -3.22 29.16
C PRO B 390 -20.15 -2.75 30.47
N GLN B 391 -21.42 -3.14 30.70
CA GLN B 391 -22.14 -2.79 31.95
C GLN B 391 -21.63 -3.63 33.12
N LEU B 392 -21.43 -4.93 32.93
CA LEU B 392 -20.77 -5.79 33.96
C LEU B 392 -19.51 -5.07 34.42
N HIS B 393 -18.70 -4.58 33.48
CA HIS B 393 -17.36 -4.00 33.77
C HIS B 393 -17.45 -2.60 34.41
N ARG B 394 -18.66 -2.07 34.58
CA ARG B 394 -18.94 -0.75 35.22
C ARG B 394 -19.77 -0.97 36.49
N ASP B 395 -19.83 -2.20 37.00
CA ASP B 395 -20.59 -2.54 38.23
C ASP B 395 -19.87 -1.87 39.41
N LYS B 396 -20.46 -0.80 39.94
CA LYS B 396 -19.81 0.04 41.00
C LYS B 396 -19.64 -0.78 42.28
N THR B 397 -20.47 -1.80 42.49
CA THR B 397 -20.37 -2.69 43.70
C THR B 397 -19.08 -3.51 43.61
N ILE B 398 -18.54 -3.74 42.40
CA ILE B 398 -17.27 -4.50 42.18
C ILE B 398 -16.09 -3.53 42.09
N TRP B 399 -16.18 -2.54 41.21
CA TRP B 399 -15.01 -1.73 40.76
C TRP B 399 -14.86 -0.43 41.55
N GLY B 400 -15.90 0.04 42.26
CA GLY B 400 -15.91 1.37 42.91
C GLY B 400 -16.61 2.43 42.08
N ASP B 401 -16.60 3.68 42.54
CA ASP B 401 -17.42 4.76 41.93
C ASP B 401 -16.77 5.27 40.64
N ASP B 402 -15.45 5.12 40.50
CA ASP B 402 -14.64 5.74 39.41
C ASP B 402 -14.62 4.87 38.15
N VAL B 403 -15.71 4.15 37.80
CA VAL B 403 -15.67 3.06 36.77
C VAL B 403 -15.34 3.61 35.39
N GLU B 404 -15.51 4.92 35.13
CA GLU B 404 -15.23 5.52 33.80
C GLU B 404 -13.74 5.86 33.65
N GLU B 405 -12.98 5.87 34.74
CA GLU B 405 -11.53 6.26 34.70
C GLU B 405 -10.70 5.09 34.16
N PHE B 406 -9.68 5.42 33.38
CA PHE B 406 -8.73 4.43 32.82
C PHE B 406 -7.57 4.28 33.79
N ARG B 407 -7.58 3.18 34.55
CA ARG B 407 -6.60 2.92 35.64
C ARG B 407 -6.10 1.48 35.54
N PRO B 408 -5.02 1.22 34.78
CA PRO B 408 -4.53 -0.14 34.59
C PRO B 408 -4.19 -0.81 35.92
N GLU B 409 -3.91 0.04 36.92
N GLU B 409 -3.87 -0.01 36.94
CA GLU B 409 -3.50 -0.33 38.30
CA GLU B 409 -3.45 -0.51 38.29
C GLU B 409 -4.59 -1.22 38.95
C GLU B 409 -4.58 -1.35 38.90
N ARG B 410 -5.82 -1.22 38.41
CA ARG B 410 -6.93 -2.13 38.82
C ARG B 410 -6.52 -3.60 38.67
N PHE B 411 -5.62 -3.91 37.74
CA PHE B 411 -5.18 -5.28 37.38
C PHE B 411 -3.75 -5.58 37.90
N GLU B 412 -3.23 -4.78 38.84
CA GLU B 412 -1.82 -4.93 39.33
C GLU B 412 -1.72 -6.19 40.21
N ASN B 413 -2.79 -6.50 40.94
CA ASN B 413 -2.90 -7.62 41.92
C ASN B 413 -4.12 -8.43 41.50
N PRO B 414 -3.99 -9.23 40.41
CA PRO B 414 -5.12 -9.87 39.72
C PRO B 414 -6.16 -10.65 40.56
N SER B 415 -5.70 -11.31 41.62
CA SER B 415 -6.57 -12.11 42.53
C SER B 415 -7.59 -11.21 43.23
N ALA B 416 -7.38 -9.88 43.19
CA ALA B 416 -8.29 -8.91 43.84
C ALA B 416 -9.65 -8.90 43.10
N ILE B 417 -9.68 -9.30 41.84
CA ILE B 417 -10.92 -9.19 41.00
C ILE B 417 -11.86 -10.34 41.34
N PRO B 418 -13.08 -10.07 41.84
CA PRO B 418 -14.00 -11.15 42.21
C PRO B 418 -14.25 -12.08 41.02
N GLN B 419 -14.79 -13.26 41.31
CA GLN B 419 -15.14 -14.29 40.30
C GLN B 419 -16.20 -13.74 39.35
N HIS B 420 -16.01 -13.90 38.03
CA HIS B 420 -16.98 -13.53 36.96
C HIS B 420 -17.24 -12.02 36.92
N ALA B 421 -16.35 -11.18 37.46
CA ALA B 421 -16.46 -9.71 37.38
C ALA B 421 -15.93 -9.19 36.04
N PHE B 422 -14.98 -9.89 35.41
CA PHE B 422 -14.29 -9.42 34.19
C PHE B 422 -14.40 -10.50 33.14
N LYS B 423 -15.18 -10.29 32.07
CA LYS B 423 -15.48 -11.39 31.11
C LYS B 423 -15.32 -10.93 29.67
N PRO B 424 -14.23 -10.22 29.29
CA PRO B 424 -14.12 -9.79 27.91
C PRO B 424 -13.98 -10.96 26.91
N PHE B 425 -13.67 -12.17 27.40
CA PHE B 425 -13.38 -13.37 26.56
C PHE B 425 -14.45 -14.44 26.79
N GLY B 426 -15.61 -14.04 27.33
CA GLY B 426 -16.73 -14.95 27.52
C GLY B 426 -16.53 -15.85 28.73
N ASN B 427 -17.09 -17.05 28.70
CA ASN B 427 -17.24 -17.88 29.91
C ASN B 427 -17.03 -19.37 29.61
N GLY B 428 -16.28 -20.03 30.50
CA GLY B 428 -16.23 -21.49 30.63
C GLY B 428 -15.72 -22.12 29.35
N GLN B 429 -16.25 -23.28 29.00
CA GLN B 429 -15.76 -24.08 27.85
C GLN B 429 -16.11 -23.35 26.56
N ARG B 430 -17.05 -22.41 26.58
CA ARG B 430 -17.40 -21.59 25.38
C ARG B 430 -16.67 -20.24 25.42
N ALA B 431 -15.58 -20.13 26.20
CA ALA B 431 -14.78 -18.90 26.27
C ALA B 431 -14.00 -18.81 24.95
N CYS B 432 -13.50 -17.62 24.68
CA CYS B 432 -12.64 -17.32 23.51
C CYS B 432 -11.47 -18.31 23.45
N ILE B 433 -11.34 -19.03 22.34
CA ILE B 433 -10.17 -19.93 22.14
C ILE B 433 -8.97 -19.08 21.72
N GLY B 434 -9.21 -17.89 21.20
CA GLY B 434 -8.16 -17.00 20.66
C GLY B 434 -7.54 -16.05 21.68
N GLN B 435 -7.88 -16.15 22.97
CA GLN B 435 -7.50 -15.17 24.01
C GLN B 435 -5.96 -15.03 24.09
N GLN B 436 -5.23 -16.14 24.16
CA GLN B 436 -3.74 -16.07 24.26
C GLN B 436 -3.15 -15.48 22.99
N PHE B 437 -3.69 -15.84 21.81
CA PHE B 437 -3.25 -15.29 20.50
C PHE B 437 -3.45 -13.77 20.49
N ALA B 438 -4.68 -13.32 20.78
CA ALA B 438 -5.04 -11.88 20.72
C ALA B 438 -4.13 -11.09 21.68
N LEU B 439 -3.92 -11.54 22.91
CA LEU B 439 -3.16 -10.77 23.92
C LEU B 439 -1.67 -10.80 23.61
N HIS B 440 -1.16 -11.89 23.03
CA HIS B 440 0.28 -11.95 22.64
C HIS B 440 0.51 -10.94 21.51
N GLU B 441 -0.32 -10.99 20.49
CA GLU B 441 -0.15 -10.08 19.32
C GLU B 441 -0.31 -8.63 19.80
N ALA B 442 -1.29 -8.34 20.66
CA ALA B 442 -1.55 -6.95 21.11
C ALA B 442 -0.41 -6.46 22.01
N THR B 443 0.10 -7.30 22.90
CA THR B 443 1.18 -6.93 23.85
C THR B 443 2.44 -6.64 23.02
N LEU B 444 2.75 -7.49 22.06
CA LEU B 444 3.95 -7.36 21.19
C LEU B 444 3.92 -6.00 20.47
N VAL B 445 2.81 -5.78 19.76
N VAL B 445 2.84 -5.72 19.74
CA VAL B 445 2.56 -4.60 18.89
CA VAL B 445 2.82 -4.51 18.87
C VAL B 445 2.63 -3.32 19.73
C VAL B 445 2.64 -3.26 19.73
N LEU B 446 1.85 -3.28 20.80
CA LEU B 446 1.74 -2.09 21.69
C LEU B 446 3.11 -1.82 22.34
N GLY B 447 3.80 -2.86 22.83
CA GLY B 447 5.17 -2.75 23.37
C GLY B 447 6.10 -2.09 22.35
N MET B 448 6.05 -2.53 21.10
CA MET B 448 6.97 -2.02 20.05
C MET B 448 6.59 -0.58 19.71
N MET B 449 5.29 -0.28 19.58
CA MET B 449 4.82 1.10 19.32
C MET B 449 5.34 2.05 20.42
N LEU B 450 5.24 1.65 21.69
CA LEU B 450 5.62 2.54 22.82
C LEU B 450 7.16 2.65 22.94
N LYS B 451 7.87 1.63 22.48
CA LYS B 451 9.35 1.65 22.39
C LYS B 451 9.79 2.64 21.31
N HIS B 452 9.13 2.65 20.14
CA HIS B 452 9.69 3.32 18.93
C HIS B 452 9.17 4.75 18.74
N PHE B 453 8.04 5.13 19.31
CA PHE B 453 7.36 6.42 19.01
C PHE B 453 6.87 7.13 20.26
N ASP B 454 6.90 8.46 20.21
CA ASP B 454 6.08 9.37 21.05
C ASP B 454 4.79 9.62 20.27
N PHE B 455 3.68 9.80 20.98
CA PHE B 455 2.33 9.95 20.36
C PHE B 455 1.74 11.31 20.73
N GLU B 456 1.07 11.93 19.76
CA GLU B 456 0.37 13.22 19.97
C GLU B 456 -1.08 13.03 19.56
N ASP B 457 -2.00 13.42 20.43
CA ASP B 457 -3.45 13.52 20.14
C ASP B 457 -3.69 14.89 19.47
N HIS B 458 -3.25 15.04 18.22
CA HIS B 458 -3.10 16.35 17.54
C HIS B 458 -4.46 17.00 17.24
N THR B 459 -5.55 16.23 17.16
CA THR B 459 -6.91 16.77 16.86
C THR B 459 -7.75 16.88 18.15
N ASN B 460 -7.21 16.51 19.32
CA ASN B 460 -7.98 16.34 20.58
C ASN B 460 -9.24 15.52 20.23
N TYR B 461 -8.98 14.30 19.79
CA TYR B 461 -9.99 13.39 19.20
C TYR B 461 -11.13 13.16 20.19
N GLU B 462 -12.35 13.29 19.70
CA GLU B 462 -13.60 13.03 20.47
C GLU B 462 -14.06 11.60 20.17
N LEU B 463 -14.08 10.75 21.19
CA LEU B 463 -14.37 9.31 21.05
C LEU B 463 -15.75 9.16 20.37
N ASP B 464 -15.76 8.46 19.25
CA ASP B 464 -16.97 8.11 18.47
C ASP B 464 -16.88 6.60 18.23
N ILE B 465 -17.72 5.82 18.89
CA ILE B 465 -17.62 4.34 18.83
C ILE B 465 -18.57 3.80 17.77
N LYS B 466 -18.01 3.31 16.67
CA LYS B 466 -18.77 2.70 15.55
C LYS B 466 -19.03 1.24 15.90
N GLU B 467 -20.27 0.81 15.73
CA GLU B 467 -20.70 -0.57 16.06
C GLU B 467 -20.98 -1.33 14.76
N THR B 468 -20.31 -2.46 14.61
CA THR B 468 -20.57 -3.49 13.57
C THR B 468 -20.84 -4.75 14.39
N LEU B 469 -20.17 -5.85 14.04
N LEU B 469 -20.17 -5.87 14.10
CA LEU B 469 -19.99 -7.04 14.91
CA LEU B 469 -20.13 -7.03 15.04
C LEU B 469 -19.23 -6.64 16.18
C LEU B 469 -19.21 -6.66 16.22
N THR B 470 -18.40 -5.63 16.08
CA THR B 470 -17.44 -5.20 17.13
C THR B 470 -17.59 -3.70 17.35
N LEU B 471 -16.68 -3.15 18.15
CA LEU B 471 -16.61 -1.73 18.54
C LEU B 471 -15.27 -1.18 18.09
N LYS B 472 -15.24 0.07 17.66
CA LYS B 472 -13.99 0.72 17.20
C LYS B 472 -14.13 2.22 17.37
N PRO B 473 -13.02 2.89 17.75
CA PRO B 473 -12.99 4.35 17.81
C PRO B 473 -12.85 4.97 16.42
N GLU B 474 -13.99 5.19 15.78
CA GLU B 474 -14.07 5.68 14.39
C GLU B 474 -13.34 7.02 14.25
N GLY B 475 -12.45 7.14 13.25
CA GLY B 475 -11.76 8.40 12.94
C GLY B 475 -10.68 8.76 13.93
N PHE B 476 -10.30 7.84 14.80
CA PHE B 476 -9.17 8.05 15.74
C PHE B 476 -7.88 8.19 14.93
N VAL B 477 -7.26 9.37 15.05
CA VAL B 477 -5.98 9.73 14.38
C VAL B 477 -5.01 10.24 15.43
N VAL B 478 -3.73 9.95 15.27
CA VAL B 478 -2.63 10.48 16.12
C VAL B 478 -1.46 10.86 15.21
N LYS B 479 -0.48 11.57 15.75
CA LYS B 479 0.85 11.75 15.11
C LYS B 479 1.82 10.93 15.94
N ALA B 480 2.77 10.28 15.28
CA ALA B 480 3.81 9.51 15.95
C ALA B 480 5.14 10.15 15.60
N LYS B 481 5.90 10.56 16.61
N LYS B 481 5.90 10.57 16.62
CA LYS B 481 7.26 11.12 16.43
CA LYS B 481 7.27 11.12 16.44
C LYS B 481 8.26 10.01 16.78
C LYS B 481 8.27 10.01 16.79
N SER B 482 9.11 9.62 15.83
CA SER B 482 10.07 8.51 16.02
C SER B 482 11.03 8.87 17.16
N LYS B 483 11.28 7.91 18.04
CA LYS B 483 12.40 8.01 19.02
C LYS B 483 13.72 7.61 18.35
N LYS B 484 13.70 7.25 17.06
CA LYS B 484 14.88 6.99 16.18
C LYS B 484 15.70 5.83 16.76
N ILE B 485 15.02 4.79 17.26
CA ILE B 485 15.66 3.56 17.80
C ILE B 485 15.62 2.50 16.71
N PRO B 486 16.79 1.97 16.28
CA PRO B 486 16.85 1.11 15.10
C PRO B 486 16.12 -0.22 15.31
N LEU B 487 15.65 -0.82 14.21
CA LEU B 487 15.15 -2.23 14.18
C LEU B 487 16.32 -3.16 13.81
C5 0PY C . 12.67 15.15 -18.22
N1 0PY C . 13.31 14.31 -19.06
C4 0PY C . 11.29 15.12 -18.12
C3 0PY C . 10.56 14.25 -18.91
C2 0PY C . 11.24 13.47 -19.83
C1 0PY C . 12.63 13.54 -19.91
O1 WAA D . 6.37 15.77 -32.85
C1 WAA D . 5.82 15.89 -31.78
C2 WAA D . 5.66 14.68 -30.86
C3 WAA D . 6.26 13.48 -31.62
C4 WAA D . 4.17 14.44 -30.62
C5 WAA D . 3.95 13.31 -29.61
C6 WAA D . 4.52 13.71 -28.27
C7 WAA D . 6.02 13.99 -28.38
C8 WAA D . 6.78 12.63 -28.49
C9 WAA D . 6.35 14.97 -29.52
C10 WAA D . 7.86 15.21 -29.61
C11 WAA D . 8.44 15.59 -28.25
C12 WAA D . 7.79 15.34 -27.10
C13 WAA D . 8.40 15.74 -25.80
C14 WAA D . 6.42 14.69 -27.08
C15 WAA D . 6.36 13.85 -25.79
C16 WAA D . 6.44 14.78 -24.59
C17 WAA D . 7.77 15.48 -24.62
C18 WAA D . 8.36 15.85 -23.28
C19 WAA D . 7.41 16.70 -22.45
C20 WAA D . 8.73 14.54 -22.54
N WAA D . 5.41 17.09 -31.37
CA WAA D . 5.77 18.34 -32.00
C WAA D . 5.64 19.42 -30.94
O WAA D . 5.30 19.06 -29.77
CB WAA D . 4.90 18.66 -33.21
CG WAA D . 3.45 18.85 -32.83
CD1 WAA D . 2.52 17.84 -32.60
CD2 WAA D . 2.79 20.08 -32.68
NE1 WAA D . 1.33 18.44 -32.30
CE2 WAA D . 1.46 19.80 -32.36
CE3 WAA D . 3.26 21.40 -32.81
CZ2 WAA D . 0.59 20.89 -32.13
CZ3 WAA D . 2.37 22.48 -32.60
CH2 WAA D . 1.04 22.21 -32.26
OXT WAA D . 5.89 20.59 -31.26
MN MNH E . 16.41 13.28 -18.46
CHA MNH E . 16.64 16.26 -20.43
CHB MNH E . 15.80 11.47 -21.35
CHC MNH E . 15.63 10.49 -16.55
CHD MNH E . 16.24 15.31 -15.54
NA MNH E . 16.15 13.78 -20.46
C1A MNH E . 16.44 15.00 -21.12
C2A MNH E . 16.46 14.89 -22.59
C3A MNH E . 16.22 13.48 -22.88
C4A MNH E . 16.04 12.86 -21.55
CMA MNH E . 16.14 12.82 -24.22
CAA MNH E . 16.70 16.01 -23.56
CBA MNH E . 15.33 16.65 -23.81
CGA MNH E . 15.32 17.70 -24.90
O1A MNH E . 14.25 18.36 -25.10
O2A MNH E . 16.36 17.86 -25.58
NB MNH E . 15.71 11.39 -18.87
C1B MNH E . 15.73 10.79 -20.07
C2B MNH E . 15.53 9.35 -20.03
C3B MNH E . 15.49 9.07 -18.60
C4B MNH E . 15.64 10.38 -17.99
CMB MNH E . 15.44 8.35 -21.14
CAB MNH E . 15.40 7.79 -17.88
CBB MNH E . 15.63 6.63 -18.45
NC MNH E . 15.89 12.98 -16.52
C1C MNH E . 15.79 11.72 -15.86
C2C MNH E . 15.88 11.80 -14.39
C3C MNH E . 16.05 13.21 -14.12
C4C MNH E . 16.08 13.90 -15.43
CMC MNH E . 15.81 10.70 -13.36
CAC MNH E . 16.18 13.92 -12.84
CBC MNH E . 16.03 13.36 -11.66
ND MNH E . 16.39 15.31 -18.07
C1D MNH E . 16.40 15.96 -16.79
C2D MNH E . 16.59 17.41 -16.88
C3D MNH E . 16.73 17.71 -18.29
C4D MNH E . 16.60 16.39 -18.98
CMD MNH E . 16.64 18.38 -15.76
CAD MNH E . 16.97 19.08 -18.90
CBD MNH E . 18.48 19.24 -18.97
CGD MNH E . 18.88 20.60 -19.53
O1D MNH E . 19.68 21.31 -18.89
O2D MNH E . 18.35 20.95 -20.62
C1 GOL F . 26.31 14.07 -25.47
O1 GOL F . 25.91 14.73 -26.67
C2 GOL F . 25.28 13.05 -25.03
O2 GOL F . 25.22 11.99 -25.99
C3 GOL F . 25.56 12.48 -23.65
O3 GOL F . 24.67 11.41 -23.33
C5 0PY G . -15.00 -14.38 17.33
N1 0PY G . -14.89 -13.75 18.52
C4 0PY G . -15.67 -13.72 16.28
C3 0PY G . -16.20 -12.46 16.50
C2 0PY G . -16.16 -11.87 17.75
C1 0PY G . -15.46 -12.53 18.75
C5 0PY H . -9.42 -16.89 1.02
N1 0PY H . -8.42 -16.60 0.10
C4 0PY H . -9.42 -16.32 2.28
C3 0PY H . -8.35 -15.50 2.66
C2 0PY H . -7.30 -15.28 1.77
C1 0PY H . -7.35 -15.87 0.49
O1 WAA I . -29.06 -7.89 21.95
C1 WAA I . -28.54 -7.97 20.86
C2 WAA I . -27.33 -7.13 20.51
C3 WAA I . -26.94 -6.32 21.75
C4 WAA I . -27.72 -6.18 19.37
C5 WAA I . -26.48 -5.51 18.78
C6 WAA I . -25.49 -6.53 18.26
C7 WAA I . -25.02 -7.48 19.36
C8 WAA I . -24.05 -6.76 20.31
C9 WAA I . -26.24 -8.13 20.03
C10 WAA I . -25.86 -9.15 21.10
C11 WAA I . -24.82 -10.12 20.58
C12 WAA I . -24.04 -9.83 19.52
C13 WAA I . -22.96 -10.76 19.15
C14 WAA I . -24.23 -8.60 18.67
C15 WAA I . -22.87 -8.17 18.14
C16 WAA I . -22.38 -9.27 17.22
C17 WAA I . -22.21 -10.53 18.05
C18 WAA I . -21.20 -11.54 17.63
C19 WAA I . -19.77 -10.98 17.80
C20 WAA I . -21.59 -12.03 16.23
N WAA I . -29.01 -8.83 19.96
CA WAA I . -30.10 -9.72 20.29
C WAA I . -29.91 -10.91 19.37
O WAA I . -30.57 -11.96 19.61
CB WAA I . -31.41 -8.91 20.28
CG WAA I . -32.28 -9.09 19.06
CD1 WAA I . -31.96 -8.80 17.75
CD2 WAA I . -33.58 -9.57 19.07
NE1 WAA I . -33.03 -9.11 16.96
CE2 WAA I . -34.04 -9.59 17.74
CE3 WAA I . -34.38 -10.01 20.13
CZ2 WAA I . -35.33 -10.05 17.47
CZ3 WAA I . -35.67 -10.46 19.85
CH2 WAA I . -36.13 -10.48 18.52
OXT WAA I . -29.05 -10.80 18.46
MN MNH J . -12.58 -14.67 20.62
CHA MNH J . -15.39 -16.72 21.32
CHB MNH J . -14.06 -12.12 22.51
CHC MNH J . -10.18 -12.49 19.55
CHD MNH J . -11.67 -16.95 18.05
NA MNH J . -14.38 -14.42 21.60
C1A MNH J . -15.34 -15.41 21.92
C2A MNH J . -16.32 -15.01 22.93
C3A MNH J . -15.95 -13.65 23.25
C4A MNH J . -14.74 -13.37 22.45
CMA MNH J . -16.59 -12.74 24.23
CAA MNH J . -17.50 -15.79 23.46
CBA MNH J . -18.70 -15.44 22.57
CGA MNH J . -19.99 -16.16 22.99
O1A MNH J . -20.94 -16.18 22.15
O2A MNH J . -20.10 -16.68 24.15
NB MNH J . -12.28 -12.64 20.86
C1B MNH J . -12.82 -11.87 21.81
C2B MNH J . -12.09 -10.60 22.07
C3B MNH J . -10.99 -10.72 21.15
C4B MNH J . -11.14 -12.01 20.52
CMB MNH J . -12.45 -9.48 22.99
CAB MNH J . -9.82 -9.84 20.93
CBB MNH J . -9.59 -8.77 21.64
NC MNH J . -11.28 -14.66 19.03
C1C MNH J . -10.22 -13.74 18.87
C2C MNH J . -9.15 -14.20 17.96
C3C MNH J . -9.61 -15.52 17.54
C4C MNH J . -10.89 -15.76 18.22
CMC MNH J . -7.88 -13.47 17.61
CAC MNH J . -9.01 -16.52 16.60
CBC MNH J . -8.00 -16.25 15.78
ND MNH J . -13.39 -16.41 19.82
C1D MNH J . -12.83 -17.25 18.84
C2D MNH J . -13.52 -18.54 18.68
C3D MNH J . -14.62 -18.47 19.62
C4D MNH J . -14.48 -17.17 20.31
CMD MNH J . -13.26 -19.67 17.72
CAD MNH J . -15.61 -19.56 19.86
CBD MNH J . -14.99 -20.45 20.95
CGD MNH J . -15.88 -21.65 21.29
O1D MNH J . -15.36 -22.79 21.25
O2D MNH J . -17.08 -21.46 21.59
C1 GOL K . 7.69 11.56 11.02
O1 GOL K . 6.30 11.26 11.22
C2 GOL K . 8.56 10.35 11.28
O2 GOL K . 7.85 9.40 12.08
C3 GOL K . 9.87 10.70 11.94
O3 GOL K . 9.70 11.08 13.30
C1 GOL L . -23.85 -28.26 28.75
O1 GOL L . -25.05 -27.49 28.73
C2 GOL L . -23.59 -28.92 27.42
O2 GOL L . -22.62 -29.94 27.57
C3 GOL L . -24.85 -29.48 26.78
O3 GOL L . -25.48 -28.53 25.92
C1 GOL M . -33.18 7.53 20.56
O1 GOL M . -32.91 6.19 20.20
C2 GOL M . -34.40 7.65 21.44
O2 GOL M . -34.29 8.81 22.27
C3 GOL M . -35.70 7.70 20.66
O3 GOL M . -36.22 6.41 20.37
#